data_8B3C
#
_entry.id   8B3C
#
_cell.length_a   77.884
_cell.length_b   97.817
_cell.length_c   137.928
_cell.angle_alpha   90.000
_cell.angle_beta   90.000
_cell.angle_gamma   90.000
#
_symmetry.space_group_name_H-M   'P 21 21 21'
#
loop_
_entity.id
_entity.type
_entity.pdbx_description
1 polymer 'Chalcone synthase 2'
2 non-polymer (2S)-2-(3,4-DIHYDROXYPHENYL)-5,7-DIHYDROXY-2,3-DIHYDRO-4H-CHROMEN-4-ONE
3 non-polymer 'COENZYME A'
4 water water
#
_entity_poly.entity_id   1
_entity_poly.type   'polypeptide(L)'
_entity_poly.pdbx_seq_one_letter_code
;MGSSHHHHHHSQDPNSSSMAAVRLKEVRMAQRAEGLATVLAIGTAVPANCVYQATYPDYYFRVTKSEHLADLKEKFQRMC
DKSMIRKRHMHLTEEILIKNPKICAHMETSLDARHAIALVEVPKLGQGAAEKAIKEWGQPLSKITHLVFCTTSGVDMPGA
DYQLTKLLGLSPTVKRLMMYQQGCFGGATVLRLAKDIAENNRGARVLVVCSEITAMAFRGPCKSHLDSLVGHALFGDGAA
AAIIGADPDQLDEQPVFQLVSASQTILPESEGAIDGHLTEAGLTIHLLKDVPGLISENIEQALEDAFEPLGIHNWNSIFW
IAHPGGPAILDRVEDRVGLDKKRMRASREVLSEYGNMSSASVLFVLDVMRKSSAKDGLATTGEGKDWGVLFGFGPGLTVE
TLVLHSVPVPVPTAASA
;
_entity_poly.pdbx_strand_id   A,B
#
loop_
_chem_comp.id
_chem_comp.type
_chem_comp.name
_chem_comp.formula
COA non-polymer 'COENZYME A' 'C21 H36 N7 O16 P3 S'
ERD non-polymer (2S)-2-(3,4-DIHYDROXYPHENYL)-5,7-DIHYDROXY-2,3-DIHYDRO-4H-CHROMEN-4-ONE 'C15 H12 O6'
#
# COMPACT_ATOMS: atom_id res chain seq x y z
N ARG A 28 0.22 -27.31 -5.20
CA ARG A 28 -0.66 -26.33 -4.44
C ARG A 28 -0.88 -26.84 -3.01
N MET A 29 -1.40 -28.07 -2.84
CA MET A 29 -1.82 -28.65 -1.52
C MET A 29 -0.63 -28.72 -0.56
N ALA A 30 0.58 -28.94 -1.09
CA ALA A 30 1.85 -29.05 -0.33
C ALA A 30 2.50 -27.67 -0.19
N GLN A 31 2.35 -26.76 -1.17
CA GLN A 31 2.84 -25.34 -1.13
C GLN A 31 2.13 -24.50 -0.03
N ARG A 32 0.95 -24.90 0.46
CA ARG A 32 0.15 -24.12 1.46
C ARG A 32 0.37 -24.66 2.88
N ALA A 33 0.24 -23.79 3.89
CA ALA A 33 0.38 -24.12 5.33
C ALA A 33 -0.93 -24.74 5.81
N GLU A 34 -0.93 -25.42 6.96
CA GLU A 34 -2.10 -26.20 7.45
C GLU A 34 -2.92 -25.39 8.46
N GLY A 35 -2.26 -24.78 9.46
CA GLY A 35 -2.93 -24.20 10.64
C GLY A 35 -3.25 -22.74 10.45
N LEU A 36 -3.64 -22.07 11.52
CA LEU A 36 -4.04 -20.64 11.54
C LEU A 36 -2.78 -19.79 11.66
N ALA A 37 -2.78 -18.64 10.97
CA ALA A 37 -1.80 -17.57 11.19
C ALA A 37 -1.75 -17.23 12.68
N THR A 38 -0.55 -17.06 13.19
CA THR A 38 -0.30 -16.91 14.64
C THR A 38 0.71 -15.81 14.84
N VAL A 39 0.47 -14.91 15.80
CA VAL A 39 1.48 -13.94 16.25
C VAL A 39 2.51 -14.74 17.07
N LEU A 40 3.79 -14.68 16.71
CA LEU A 40 4.89 -15.47 17.34
C LEU A 40 5.74 -14.56 18.22
N ALA A 41 5.58 -13.26 18.08
CA ALA A 41 6.40 -12.23 18.74
C ALA A 41 5.84 -10.84 18.45
N ILE A 42 6.04 -9.92 19.38
CA ILE A 42 5.61 -8.50 19.27
C ILE A 42 6.71 -7.64 19.89
N GLY A 43 7.22 -6.68 19.14
CA GLY A 43 8.16 -5.66 19.64
C GLY A 43 7.60 -4.28 19.36
N THR A 44 7.96 -3.31 20.19
CA THR A 44 7.53 -1.90 20.06
C THR A 44 8.74 -0.97 20.26
N ALA A 45 8.64 0.25 19.76
CA ALA A 45 9.66 1.31 19.97
C ALA A 45 8.97 2.66 19.83
N VAL A 46 9.49 3.64 20.55
CA VAL A 46 9.06 5.05 20.54
C VAL A 46 10.29 5.92 20.49
N PRO A 47 10.20 7.15 19.96
CA PRO A 47 11.26 8.13 20.12
C PRO A 47 11.53 8.33 21.62
N ALA A 48 12.79 8.50 22.01
CA ALA A 48 13.22 8.78 23.40
C ALA A 48 12.51 10.05 23.89
N ASN A 49 12.41 11.07 23.04
CA ASN A 49 11.82 12.37 23.45
C ASN A 49 10.37 12.17 23.92
N CYS A 50 10.11 12.44 25.19
CA CYS A 50 8.82 12.21 25.89
C CYS A 50 8.17 13.56 26.23
N VAL A 51 6.98 13.88 25.72
CA VAL A 51 6.27 15.14 26.11
C VAL A 51 5.04 14.79 26.96
N TYR A 52 5.04 15.31 28.18
CA TYR A 52 3.95 15.17 29.18
C TYR A 52 2.78 16.02 28.72
N GLN A 53 1.59 15.46 28.80
CA GLN A 53 0.34 16.10 28.35
C GLN A 53 -0.03 17.28 29.26
N ALA A 54 0.29 17.18 30.55
CA ALA A 54 -0.09 18.19 31.58
C ALA A 54 0.44 19.57 31.14
N THR A 55 1.64 19.62 30.58
CA THR A 55 2.33 20.88 30.23
C THR A 55 2.21 21.15 28.73
N TYR A 56 1.50 20.32 27.95
CA TYR A 56 1.64 20.38 26.47
C TYR A 56 1.02 21.68 25.94
N PRO A 57 -0.15 22.14 26.43
CA PRO A 57 -0.72 23.36 25.88
C PRO A 57 0.28 24.52 25.92
N ASP A 58 1.03 24.64 27.01
CA ASP A 58 2.09 25.67 27.20
C ASP A 58 3.20 25.44 26.17
N TYR A 59 3.73 24.23 26.07
CA TYR A 59 4.80 23.90 25.10
C TYR A 59 4.33 24.25 23.67
N TYR A 60 3.15 23.79 23.28
CA TYR A 60 2.68 23.82 21.86
C TYR A 60 2.49 25.28 21.45
N PHE A 61 1.76 26.03 22.26
CA PHE A 61 1.47 27.47 21.97
C PHE A 61 2.75 28.30 22.04
N ARG A 62 3.73 27.89 22.84
CA ARG A 62 5.03 28.63 22.95
C ARG A 62 5.90 28.38 21.71
N VAL A 63 6.20 27.12 21.38
CA VAL A 63 7.12 26.76 20.28
C VAL A 63 6.49 27.19 18.94
N THR A 64 5.17 27.25 18.84
CA THR A 64 4.53 27.74 17.59
C THR A 64 4.33 29.27 17.65
N LYS A 65 4.84 29.93 18.69
CA LYS A 65 4.79 31.41 18.88
C LYS A 65 3.36 31.89 18.67
N SER A 66 2.41 31.26 19.34
CA SER A 66 0.97 31.58 19.18
C SER A 66 0.34 31.85 20.55
N GLU A 67 1.13 32.24 21.55
CA GLU A 67 0.64 32.49 22.93
C GLU A 67 -0.34 33.66 22.92
N HIS A 68 -0.37 34.50 21.89
CA HIS A 68 -1.37 35.58 21.80
C HIS A 68 -2.76 35.04 21.44
N LEU A 69 -2.91 33.78 21.04
CA LEU A 69 -4.25 33.21 20.68
C LEU A 69 -4.85 32.55 21.95
N ALA A 70 -5.27 33.36 22.94
CA ALA A 70 -5.55 32.89 24.32
C ALA A 70 -6.78 31.99 24.34
N ASP A 71 -7.85 32.36 23.62
CA ASP A 71 -9.09 31.51 23.51
C ASP A 71 -8.73 30.16 22.90
N LEU A 72 -7.98 30.16 21.80
CA LEU A 72 -7.53 28.92 21.13
C LEU A 72 -6.78 28.04 22.14
N LYS A 73 -5.90 28.64 22.95
CA LYS A 73 -5.04 27.91 23.90
C LYS A 73 -5.90 27.29 25.01
N GLU A 74 -6.90 28.02 25.49
CA GLU A 74 -7.88 27.55 26.51
C GLU A 74 -8.66 26.36 25.95
N LYS A 75 -9.16 26.47 24.72
CA LYS A 75 -9.85 25.36 24.00
C LYS A 75 -8.92 24.14 23.88
N PHE A 76 -7.65 24.36 23.52
CA PHE A 76 -6.63 23.28 23.45
C PHE A 76 -6.40 22.69 24.83
N GLN A 77 -6.38 23.50 25.88
CA GLN A 77 -6.18 23.04 27.28
C GLN A 77 -7.32 22.07 27.65
N ARG A 78 -8.56 22.40 27.30
CA ARG A 78 -9.73 21.52 27.61
C ARG A 78 -9.59 20.19 26.87
N MET A 79 -9.13 20.22 25.60
CA MET A 79 -8.94 18.98 24.78
C MET A 79 -7.90 18.08 25.43
N CYS A 80 -6.75 18.65 25.83
CA CYS A 80 -5.65 17.91 26.51
C CYS A 80 -6.15 17.38 27.86
N ASP A 81 -6.98 18.14 28.58
CA ASP A 81 -7.45 17.73 29.94
C ASP A 81 -8.39 16.52 29.82
N LYS A 82 -9.21 16.45 28.77
CA LYS A 82 -10.14 15.33 28.53
C LYS A 82 -9.48 14.20 27.73
N SER A 83 -8.21 14.30 27.34
CA SER A 83 -7.55 13.40 26.36
C SER A 83 -7.32 12.02 26.98
N MET A 84 -7.12 11.95 28.30
CA MET A 84 -6.79 10.73 29.08
C MET A 84 -5.41 10.23 28.62
N ILE A 85 -4.59 11.15 28.14
CA ILE A 85 -3.18 10.88 27.74
C ILE A 85 -2.26 11.45 28.83
N ARG A 86 -1.35 10.64 29.37
CA ARG A 86 -0.36 11.12 30.37
C ARG A 86 0.89 11.64 29.62
N LYS A 87 1.29 10.94 28.56
CA LYS A 87 2.48 11.32 27.77
C LYS A 87 2.37 10.73 26.36
N ARG A 88 3.09 11.36 25.44
CA ARG A 88 3.35 10.86 24.08
C ARG A 88 4.85 10.97 23.84
N HIS A 89 5.38 10.11 22.98
CA HIS A 89 6.76 10.19 22.45
C HIS A 89 6.73 10.86 21.08
N MET A 90 7.63 11.80 20.88
CA MET A 90 7.66 12.65 19.68
C MET A 90 9.10 12.79 19.19
N HIS A 91 9.40 12.41 17.95
CA HIS A 91 10.74 12.64 17.35
C HIS A 91 11.01 14.15 17.27
N LEU A 92 10.01 14.90 16.82
CA LEU A 92 10.04 16.37 16.72
C LEU A 92 10.36 16.98 18.09
N THR A 93 11.46 17.75 18.18
CA THR A 93 11.93 18.50 19.37
C THR A 93 11.85 19.99 19.04
N GLU A 94 12.01 20.87 20.03
CA GLU A 94 12.07 22.34 19.82
C GLU A 94 13.27 22.66 18.89
N GLU A 95 14.40 21.96 19.04
CA GLU A 95 15.61 22.24 18.22
C GLU A 95 15.26 22.04 16.74
N ILE A 96 14.57 20.95 16.40
CA ILE A 96 14.13 20.70 14.98
C ILE A 96 13.13 21.81 14.57
N LEU A 97 12.27 22.25 15.48
CA LEU A 97 11.21 23.25 15.15
C LEU A 97 11.84 24.61 14.89
N ILE A 98 12.88 24.97 15.65
CA ILE A 98 13.63 26.25 15.47
C ILE A 98 14.30 26.24 14.08
N LYS A 99 14.89 25.12 13.67
CA LYS A 99 15.55 24.96 12.34
C LYS A 99 14.53 24.84 11.21
N ASN A 100 13.23 24.65 11.49
CA ASN A 100 12.17 24.53 10.47
C ASN A 100 10.97 25.38 10.86
N PRO A 101 11.08 26.73 10.86
CA PRO A 101 9.95 27.58 11.22
C PRO A 101 8.70 27.32 10.36
N LYS A 102 8.85 26.91 9.09
CA LYS A 102 7.68 26.74 8.19
C LYS A 102 6.77 25.61 8.71
N ILE A 103 7.31 24.68 9.52
CA ILE A 103 6.55 23.55 10.12
C ILE A 103 5.72 24.09 11.28
N CYS A 104 6.19 25.13 11.98
CA CYS A 104 5.50 25.82 13.10
C CYS A 104 4.35 26.69 12.61
N ALA A 105 4.38 27.16 11.36
CA ALA A 105 3.23 27.89 10.79
C ALA A 105 2.10 26.88 10.59
N HIS A 106 0.91 27.37 10.28
CA HIS A 106 -0.29 26.53 10.13
C HIS A 106 -0.24 25.80 8.78
N MET A 107 0.06 26.51 7.70
CA MET A 107 -0.21 25.96 6.35
C MET A 107 0.81 26.53 5.35
N GLU A 108 2.09 26.58 5.72
CA GLU A 108 3.18 27.02 4.81
C GLU A 108 3.77 25.81 4.08
N THR A 109 4.40 26.06 2.93
CA THR A 109 5.11 25.05 2.11
C THR A 109 6.19 24.39 2.98
N SER A 110 6.03 23.10 3.27
CA SER A 110 6.90 22.40 4.25
C SER A 110 7.01 20.91 3.92
N LEU A 111 6.38 20.39 2.88
CA LEU A 111 6.38 18.92 2.65
C LEU A 111 7.83 18.39 2.59
N ASP A 112 8.74 19.07 1.87
CA ASP A 112 10.11 18.57 1.64
C ASP A 112 10.86 18.53 2.98
N ALA A 113 10.73 19.53 3.84
CA ALA A 113 11.41 19.54 5.17
C ALA A 113 10.82 18.41 6.06
N ARG A 114 9.49 18.21 5.97
CA ARG A 114 8.81 17.12 6.73
C ARG A 114 9.31 15.76 6.22
N HIS A 115 9.33 15.56 4.89
CA HIS A 115 9.81 14.30 4.27
C HIS A 115 11.28 14.07 4.64
N ALA A 116 12.13 15.11 4.68
CA ALA A 116 13.57 14.96 5.02
C ALA A 116 13.70 14.24 6.38
N ILE A 117 12.80 14.53 7.32
CA ILE A 117 12.78 13.89 8.67
C ILE A 117 12.11 12.51 8.57
N ALA A 118 10.88 12.45 8.08
CA ALA A 118 10.03 11.24 8.20
C ALA A 118 10.55 10.11 7.33
N LEU A 119 11.05 10.39 6.13
CA LEU A 119 11.55 9.32 5.22
C LEU A 119 12.75 8.57 5.82
N VAL A 120 13.47 9.20 6.75
CA VAL A 120 14.57 8.56 7.52
C VAL A 120 14.00 7.93 8.79
N GLU A 121 13.19 8.66 9.56
CA GLU A 121 12.89 8.24 10.95
C GLU A 121 11.87 7.10 11.00
N VAL A 122 10.98 6.99 10.00
CA VAL A 122 9.93 5.94 9.96
C VAL A 122 10.59 4.55 9.87
N PRO A 123 11.45 4.27 8.87
CA PRO A 123 12.12 2.98 8.81
C PRO A 123 13.03 2.77 10.05
N LYS A 124 13.67 3.81 10.55
CA LYS A 124 14.60 3.71 11.70
C LYS A 124 13.80 3.30 12.94
N LEU A 125 12.66 3.92 13.21
CA LEU A 125 11.80 3.49 14.35
C LEU A 125 11.28 2.08 14.10
N GLY A 126 10.88 1.77 12.88
CA GLY A 126 10.39 0.42 12.54
C GLY A 126 11.47 -0.62 12.81
N GLN A 127 12.73 -0.28 12.53
CA GLN A 127 13.89 -1.15 12.84
C GLN A 127 13.97 -1.42 14.34
N GLY A 128 13.84 -0.37 15.17
CA GLY A 128 13.74 -0.51 16.64
C GLY A 128 12.74 -1.58 17.04
N ALA A 129 11.52 -1.50 16.53
CA ALA A 129 10.44 -2.43 16.88
C ALA A 129 10.78 -3.83 16.34
N ALA A 130 11.21 -3.90 15.09
CA ALA A 130 11.47 -5.15 14.35
C ALA A 130 12.56 -5.96 15.07
N GLU A 131 13.66 -5.31 15.47
CA GLU A 131 14.76 -5.97 16.24
C GLU A 131 14.20 -6.64 17.48
N LYS A 132 13.36 -5.95 18.24
CA LYS A 132 12.77 -6.47 19.51
C LYS A 132 11.86 -7.67 19.18
N ALA A 133 11.03 -7.60 18.13
CA ALA A 133 10.17 -8.74 17.76
C ALA A 133 11.06 -9.92 17.36
N ILE A 134 12.09 -9.68 16.56
CA ILE A 134 13.01 -10.73 16.05
C ILE A 134 13.76 -11.37 17.24
N LYS A 135 14.16 -10.59 18.26
CA LYS A 135 14.87 -11.10 19.46
C LYS A 135 13.94 -12.05 20.25
N GLU A 136 12.68 -11.68 20.42
CA GLU A 136 11.70 -12.52 21.15
C GLU A 136 11.52 -13.83 20.36
N TRP A 137 11.33 -13.73 19.05
CA TRP A 137 11.11 -14.87 18.12
C TRP A 137 12.31 -15.82 18.14
N GLY A 138 13.51 -15.30 17.99
CA GLY A 138 14.79 -16.02 18.23
C GLY A 138 15.29 -16.79 17.03
N GLN A 139 14.57 -16.79 15.91
CA GLN A 139 14.97 -17.50 14.66
C GLN A 139 15.89 -16.58 13.87
N PRO A 140 16.68 -17.13 12.93
CA PRO A 140 17.57 -16.27 12.12
C PRO A 140 16.74 -15.42 11.12
N LEU A 141 17.28 -14.26 10.75
CA LEU A 141 16.69 -13.27 9.80
C LEU A 141 16.37 -13.93 8.45
N SER A 142 17.18 -14.91 8.06
CA SER A 142 17.02 -15.73 6.84
C SER A 142 15.63 -16.37 6.82
N LYS A 143 15.04 -16.67 7.99
CA LYS A 143 13.71 -17.37 8.03
C LYS A 143 12.56 -16.41 7.67
N ILE A 144 12.81 -15.10 7.68
CA ILE A 144 11.73 -14.14 7.33
C ILE A 144 11.53 -14.16 5.82
N THR A 145 10.36 -14.59 5.35
CA THR A 145 10.05 -14.74 3.93
C THR A 145 9.33 -13.50 3.37
N HIS A 146 8.61 -12.74 4.20
CA HIS A 146 7.76 -11.59 3.77
C HIS A 146 7.94 -10.42 4.73
N LEU A 147 7.82 -9.19 4.22
CA LEU A 147 7.75 -7.98 5.05
C LEU A 147 6.54 -7.14 4.60
N VAL A 148 5.70 -6.78 5.57
CA VAL A 148 4.60 -5.80 5.40
C VAL A 148 4.93 -4.58 6.24
N PHE A 149 5.17 -3.46 5.58
CA PHE A 149 5.47 -2.17 6.24
C PHE A 149 4.28 -1.23 5.99
N CYS A 150 3.86 -0.55 7.04
CA CYS A 150 2.63 0.25 7.07
C CYS A 150 2.95 1.56 7.74
N THR A 151 2.64 2.66 7.06
CA THR A 151 2.80 3.99 7.68
C THR A 151 1.72 4.91 7.14
N THR A 152 1.54 6.00 7.84
CA THR A 152 0.68 7.13 7.47
C THR A 152 1.59 8.34 7.31
N SER A 153 2.91 8.17 7.47
CA SER A 153 3.89 9.26 7.72
C SER A 153 4.88 9.40 6.57
N GLY A 154 4.45 9.98 5.46
CA GLY A 154 5.30 10.21 4.27
C GLY A 154 5.25 9.06 3.30
N VAL A 155 5.67 9.32 2.07
CA VAL A 155 5.79 8.28 1.01
C VAL A 155 7.08 8.52 0.22
N ASP A 156 7.64 7.44 -0.30
CA ASP A 156 8.88 7.51 -1.11
C ASP A 156 8.99 6.23 -1.94
N MET A 157 9.79 6.30 -2.99
CA MET A 157 10.17 5.15 -3.85
C MET A 157 11.69 5.15 -3.98
N PRO A 158 12.42 4.08 -3.57
CA PRO A 158 11.86 2.92 -2.92
C PRO A 158 11.23 3.25 -1.57
N GLY A 159 10.33 2.37 -1.12
CA GLY A 159 9.56 2.53 0.12
C GLY A 159 10.35 2.25 1.39
N ALA A 160 9.71 2.48 2.53
CA ALA A 160 10.21 2.17 3.89
C ALA A 160 10.45 0.66 3.99
N ASP A 161 9.71 -0.14 3.21
CA ASP A 161 9.88 -1.61 3.14
C ASP A 161 11.30 -1.93 2.66
N TYR A 162 11.73 -1.26 1.59
CA TYR A 162 13.10 -1.41 1.05
C TYR A 162 14.09 -0.96 2.13
N GLN A 163 13.85 0.20 2.73
CA GLN A 163 14.78 0.83 3.71
C GLN A 163 14.97 -0.11 4.89
N LEU A 164 13.90 -0.75 5.32
CA LEU A 164 13.99 -1.62 6.51
C LEU A 164 14.63 -2.95 6.13
N THR A 165 14.33 -3.49 4.95
CA THR A 165 15.04 -4.67 4.40
C THR A 165 16.56 -4.42 4.49
N LYS A 166 17.00 -3.23 4.09
CA LYS A 166 18.44 -2.84 4.14
C LYS A 166 18.88 -2.67 5.60
N LEU A 167 18.10 -1.98 6.42
CA LEU A 167 18.51 -1.72 7.81
C LEU A 167 18.66 -3.05 8.59
N LEU A 168 17.81 -4.04 8.40
CA LEU A 168 17.85 -5.29 9.23
C LEU A 168 18.77 -6.32 8.59
N GLY A 169 19.04 -6.21 7.30
CA GLY A 169 19.74 -7.25 6.53
C GLY A 169 18.84 -8.44 6.26
N LEU A 170 17.59 -8.21 5.85
CA LEU A 170 16.72 -9.33 5.40
C LEU A 170 17.26 -9.84 4.07
N SER A 171 16.89 -11.06 3.68
CA SER A 171 17.22 -11.62 2.35
C SER A 171 16.68 -10.69 1.25
N PRO A 172 17.46 -10.42 0.18
CA PRO A 172 16.95 -9.64 -0.94
C PRO A 172 15.71 -10.25 -1.60
N THR A 173 15.45 -11.53 -1.34
CA THR A 173 14.31 -12.31 -1.90
C THR A 173 13.10 -12.20 -0.96
N VAL A 174 13.20 -11.42 0.11
CA VAL A 174 12.04 -11.13 0.99
C VAL A 174 10.92 -10.55 0.12
N LYS A 175 9.70 -11.08 0.20
CA LYS A 175 8.55 -10.53 -0.58
C LYS A 175 7.90 -9.40 0.23
N ARG A 176 7.81 -8.21 -0.37
CA ARG A 176 7.47 -6.97 0.36
C ARG A 176 6.07 -6.47 -0.04
N LEU A 177 5.34 -5.92 0.93
CA LEU A 177 4.15 -5.08 0.70
C LEU A 177 4.35 -3.81 1.47
N MET A 178 4.27 -2.70 0.74
CA MET A 178 4.46 -1.33 1.24
C MET A 178 3.07 -0.68 1.32
N MET A 179 2.57 -0.51 2.53
CA MET A 179 1.23 0.06 2.81
C MET A 179 1.42 1.49 3.26
N TYR A 180 1.25 2.41 2.30
CA TYR A 180 1.45 3.86 2.48
C TYR A 180 0.11 4.53 2.72
N GLN A 181 0.15 5.60 3.54
CA GLN A 181 -0.99 6.53 3.74
C GLN A 181 -2.23 5.75 4.18
N GLN A 182 -2.09 4.84 5.15
CA GLN A 182 -3.13 3.85 5.51
C GLN A 182 -4.13 4.43 6.52
N GLY A 183 -3.62 5.09 7.55
CA GLY A 183 -4.42 5.64 8.67
C GLY A 183 -4.55 4.61 9.78
N CYS A 184 -5.46 4.84 10.71
CA CYS A 184 -5.48 4.16 12.04
C CYS A 184 -6.01 2.73 11.93
N PHE A 185 -6.51 2.24 10.78
CA PHE A 185 -6.96 0.84 10.62
C PHE A 185 -5.82 -0.02 10.00
N GLY A 186 -4.70 0.61 9.69
CA GLY A 186 -3.52 -0.03 9.07
C GLY A 186 -2.97 -1.17 9.90
N GLY A 187 -3.01 -1.07 11.24
CA GLY A 187 -2.58 -2.14 12.15
C GLY A 187 -3.41 -3.40 11.98
N ALA A 188 -4.72 -3.26 11.85
CA ALA A 188 -5.64 -4.36 11.53
C ALA A 188 -5.33 -4.88 10.12
N THR A 189 -5.12 -3.99 9.15
CA THR A 189 -4.89 -4.36 7.72
C THR A 189 -3.67 -5.26 7.60
N VAL A 190 -2.58 -4.95 8.32
CA VAL A 190 -1.32 -5.73 8.17
C VAL A 190 -1.54 -7.14 8.71
N LEU A 191 -2.41 -7.30 9.71
CA LEU A 191 -2.66 -8.64 10.28
C LEU A 191 -3.54 -9.42 9.31
N ARG A 192 -4.49 -8.77 8.66
CA ARG A 192 -5.34 -9.43 7.63
C ARG A 192 -4.43 -9.92 6.50
N LEU A 193 -3.51 -9.06 6.07
CA LEU A 193 -2.53 -9.39 5.01
C LEU A 193 -1.65 -10.57 5.46
N ALA A 194 -1.00 -10.44 6.63
CA ALA A 194 -0.10 -11.46 7.17
C ALA A 194 -0.85 -12.78 7.28
N LYS A 195 -2.14 -12.74 7.65
CA LYS A 195 -2.99 -13.94 7.82
C LYS A 195 -3.01 -14.73 6.51
N ASP A 196 -3.44 -14.12 5.41
CA ASP A 196 -3.54 -14.79 4.09
C ASP A 196 -2.16 -15.29 3.63
N ILE A 197 -1.12 -14.47 3.74
CA ILE A 197 0.26 -14.86 3.37
C ILE A 197 0.69 -16.08 4.19
N ALA A 198 0.62 -16.01 5.52
CA ALA A 198 1.16 -17.09 6.39
C ALA A 198 0.42 -18.39 6.10
N GLU A 199 -0.88 -18.33 5.87
CA GLU A 199 -1.75 -19.53 5.79
C GLU A 199 -1.63 -20.14 4.39
N ASN A 200 -1.36 -19.34 3.37
CA ASN A 200 -1.31 -19.83 1.98
C ASN A 200 0.10 -20.30 1.60
N ASN A 201 1.14 -20.06 2.41
CA ASN A 201 2.55 -20.33 2.02
C ASN A 201 3.27 -21.12 3.12
N ARG A 202 3.44 -22.43 2.91
CA ARG A 202 4.07 -23.31 3.93
C ARG A 202 5.45 -22.75 4.30
N GLY A 203 5.75 -22.66 5.60
CA GLY A 203 7.05 -22.15 6.07
C GLY A 203 7.14 -20.64 6.10
N ALA A 204 6.10 -19.94 5.64
CA ALA A 204 6.18 -18.46 5.51
C ALA A 204 6.20 -17.86 6.92
N ARG A 205 7.11 -16.93 7.12
CA ARG A 205 7.20 -16.14 8.36
C ARG A 205 7.17 -14.68 7.92
N VAL A 206 6.15 -13.96 8.39
CA VAL A 206 5.88 -12.56 7.94
C VAL A 206 6.29 -11.63 9.04
N LEU A 207 7.21 -10.72 8.75
CA LEU A 207 7.47 -9.57 9.64
C LEU A 207 6.50 -8.45 9.22
N VAL A 208 5.61 -8.03 10.11
CA VAL A 208 4.77 -6.82 9.89
C VAL A 208 5.34 -5.73 10.78
N VAL A 209 5.40 -4.52 10.23
CA VAL A 209 5.91 -3.33 10.94
C VAL A 209 4.98 -2.16 10.61
N CYS A 210 4.57 -1.45 11.65
CA CYS A 210 3.81 -0.19 11.57
C CYS A 210 4.62 0.86 12.29
N SER A 211 4.91 1.96 11.62
CA SER A 211 5.77 3.03 12.16
C SER A 211 5.19 4.38 11.78
N GLU A 212 5.05 5.27 12.75
CA GLU A 212 4.36 6.57 12.59
C GLU A 212 5.21 7.67 13.26
N ILE A 213 5.40 8.77 12.53
CA ILE A 213 6.16 9.97 12.96
C ILE A 213 5.28 11.18 12.65
N THR A 214 4.87 11.92 13.69
CA THR A 214 3.90 13.06 13.62
C THR A 214 4.52 14.29 12.94
N ALA A 215 5.81 14.27 12.65
CA ALA A 215 6.48 15.40 11.96
C ALA A 215 5.81 15.67 10.61
N MET A 216 5.15 14.69 10.00
CA MET A 216 4.40 14.89 8.73
C MET A 216 3.20 15.82 8.91
N ALA A 217 2.63 15.89 10.11
CA ALA A 217 1.31 16.47 10.43
C ALA A 217 1.42 17.67 11.37
N PHE A 218 2.50 17.77 12.17
CA PHE A 218 2.68 18.82 13.20
C PHE A 218 2.63 20.18 12.52
N ARG A 219 1.82 21.09 13.06
CA ARG A 219 1.69 22.48 12.55
C ARG A 219 1.22 23.38 13.69
N GLY A 220 1.31 24.69 13.46
CA GLY A 220 0.78 25.72 14.38
C GLY A 220 -0.74 25.67 14.40
N PRO A 221 -1.34 26.11 15.53
CA PRO A 221 -2.79 26.16 15.65
C PRO A 221 -3.40 27.32 14.86
N CYS A 222 -4.65 27.15 14.45
CA CYS A 222 -5.46 28.16 13.74
C CYS A 222 -6.94 27.91 14.08
N LYS A 223 -7.67 29.01 14.29
CA LYS A 223 -9.07 29.06 14.78
C LYS A 223 -10.00 28.45 13.72
N SER A 224 -9.61 28.49 12.43
CA SER A 224 -10.41 27.89 11.32
C SER A 224 -10.31 26.35 11.30
N HIS A 225 -9.36 25.73 12.00
CA HIS A 225 -9.12 24.26 11.88
C HIS A 225 -9.03 23.68 13.29
N LEU A 226 -10.18 23.58 13.96
CA LEU A 226 -10.28 23.08 15.35
C LEU A 226 -10.05 21.56 15.37
N ASP A 227 -10.27 20.89 14.26
CA ASP A 227 -10.02 19.43 14.18
C ASP A 227 -8.50 19.21 14.18
N SER A 228 -7.73 20.07 13.50
CA SER A 228 -6.24 20.06 13.60
C SER A 228 -5.84 20.12 15.08
N LEU A 229 -6.43 21.03 15.84
CA LEU A 229 -6.18 21.16 17.30
C LEU A 229 -6.40 19.79 18.00
N VAL A 230 -7.48 19.09 17.69
CA VAL A 230 -7.80 17.78 18.33
C VAL A 230 -6.66 16.81 18.01
N GLY A 231 -6.21 16.80 16.78
CA GLY A 231 -5.09 15.93 16.36
C GLY A 231 -3.84 16.22 17.18
N HIS A 232 -3.55 17.48 17.51
CA HIS A 232 -2.32 17.87 18.24
C HIS A 232 -2.47 17.51 19.72
N ALA A 233 -3.70 17.24 20.16
CA ALA A 233 -3.99 16.74 21.53
C ALA A 233 -3.79 15.22 21.60
N LEU A 234 -3.96 14.49 20.49
CA LEU A 234 -4.05 12.99 20.56
C LEU A 234 -2.87 12.24 19.93
N PHE A 235 -2.32 12.70 18.79
CA PHE A 235 -1.41 11.88 17.94
C PHE A 235 0.00 11.85 18.54
N GLY A 236 0.59 10.65 18.62
CA GLY A 236 1.98 10.48 19.06
C GLY A 236 2.74 9.60 18.11
N ASP A 237 4.03 9.42 18.37
CA ASP A 237 4.93 8.60 17.52
C ASP A 237 5.08 7.21 18.13
N GLY A 238 5.28 6.22 17.28
CA GLY A 238 5.63 4.87 17.70
C GLY A 238 5.71 3.92 16.54
N ALA A 239 6.32 2.79 16.80
CA ALA A 239 6.35 1.66 15.85
C ALA A 239 6.17 0.38 16.64
N ALA A 240 5.55 -0.58 15.98
CA ALA A 240 5.28 -1.93 16.49
C ALA A 240 5.56 -2.90 15.36
N ALA A 241 6.04 -4.07 15.72
CA ALA A 241 6.42 -5.12 14.77
C ALA A 241 5.91 -6.44 15.34
N ALA A 242 5.50 -7.33 14.47
CA ALA A 242 5.16 -8.70 14.86
C ALA A 242 5.73 -9.64 13.82
N ILE A 243 6.00 -10.86 14.26
CA ILE A 243 6.29 -12.03 13.38
C ILE A 243 5.02 -12.88 13.33
N ILE A 244 4.54 -13.18 12.13
CA ILE A 244 3.32 -14.00 11.95
C ILE A 244 3.64 -15.24 11.13
N GLY A 245 3.19 -16.40 11.60
CA GLY A 245 3.40 -17.69 10.93
C GLY A 245 2.28 -18.64 11.25
N ALA A 246 2.02 -19.56 10.35
CA ALA A 246 1.10 -20.69 10.57
C ALA A 246 1.94 -21.92 10.91
N ASP A 247 1.38 -22.91 11.61
CA ASP A 247 2.08 -24.17 11.99
C ASP A 247 3.36 -23.86 12.75
N PRO A 248 3.29 -23.32 13.98
CA PRO A 248 4.50 -22.90 14.70
C PRO A 248 5.34 -24.13 15.08
N ASP A 249 6.64 -23.94 15.28
CA ASP A 249 7.58 -25.02 15.66
C ASP A 249 7.41 -25.27 17.17
N GLN A 250 7.39 -26.54 17.59
CA GLN A 250 7.06 -27.00 18.96
C GLN A 250 8.13 -26.51 19.96
N LEU A 251 9.42 -26.54 19.59
CA LEU A 251 10.52 -26.23 20.53
C LEU A 251 10.97 -24.78 20.34
N ASP A 252 10.85 -24.23 19.14
CA ASP A 252 11.62 -23.02 18.75
C ASP A 252 10.77 -21.75 18.79
N GLU A 253 9.44 -21.86 18.66
CA GLU A 253 8.53 -20.72 18.45
C GLU A 253 7.46 -20.75 19.56
N GLN A 254 6.96 -19.60 19.96
CA GLN A 254 5.99 -19.49 21.07
C GLN A 254 4.79 -18.66 20.60
N PRO A 255 3.66 -19.32 20.25
CA PRO A 255 2.42 -18.61 19.90
C PRO A 255 1.95 -17.63 20.98
N VAL A 256 1.48 -16.44 20.61
CA VAL A 256 0.99 -15.37 21.51
C VAL A 256 -0.50 -15.16 21.24
N PHE A 257 -0.90 -15.02 19.96
CA PHE A 257 -2.32 -14.94 19.54
C PHE A 257 -2.50 -15.70 18.24
N GLN A 258 -3.71 -16.18 17.96
CA GLN A 258 -4.06 -16.67 16.62
C GLN A 258 -5.02 -15.67 15.98
N LEU A 259 -4.83 -15.47 14.68
CA LEU A 259 -5.70 -14.66 13.80
C LEU A 259 -6.73 -15.60 13.16
N VAL A 260 -7.99 -15.42 13.54
CA VAL A 260 -9.12 -16.34 13.20
C VAL A 260 -9.83 -15.85 11.95
N SER A 261 -10.20 -14.56 11.90
CA SER A 261 -10.93 -13.98 10.77
C SER A 261 -10.66 -12.46 10.74
N ALA A 262 -10.82 -11.86 9.57
CA ALA A 262 -10.67 -10.41 9.30
C ALA A 262 -11.84 -9.95 8.44
N SER A 263 -12.53 -8.93 8.87
CA SER A 263 -13.62 -8.27 8.12
C SER A 263 -13.31 -6.79 8.00
N GLN A 264 -13.98 -6.13 7.08
CA GLN A 264 -13.82 -4.67 6.89
C GLN A 264 -15.16 -4.11 6.45
N THR A 265 -15.54 -2.94 6.96
CA THR A 265 -16.78 -2.27 6.49
C THR A 265 -16.61 -0.76 6.48
N ILE A 266 -17.32 -0.15 5.52
CA ILE A 266 -17.58 1.33 5.47
C ILE A 266 -18.92 1.57 6.19
N LEU A 267 -18.92 2.38 7.24
CA LEU A 267 -20.14 2.72 8.02
C LEU A 267 -21.07 3.57 7.17
N PRO A 268 -22.39 3.31 7.21
CA PRO A 268 -23.36 4.17 6.54
C PRO A 268 -23.25 5.63 7.03
N GLU A 269 -23.57 6.57 6.15
CA GLU A 269 -23.76 7.99 6.52
C GLU A 269 -22.46 8.54 7.14
N SER A 270 -21.27 8.14 6.70
CA SER A 270 -19.99 8.50 7.36
C SER A 270 -19.02 9.22 6.42
N GLU A 271 -19.48 9.57 5.23
CA GLU A 271 -18.68 10.28 4.19
C GLU A 271 -18.03 11.49 4.83
N GLY A 272 -16.70 11.65 4.73
CA GLY A 272 -16.00 12.85 5.18
C GLY A 272 -15.75 12.88 6.67
N ALA A 273 -16.07 11.82 7.40
CA ALA A 273 -15.95 11.85 8.87
C ALA A 273 -14.47 12.01 9.19
N ILE A 274 -13.60 11.28 8.49
CA ILE A 274 -12.12 11.34 8.69
C ILE A 274 -11.43 11.42 7.33
N ASP A 275 -10.91 12.60 6.97
CA ASP A 275 -10.10 12.84 5.76
C ASP A 275 -8.65 13.12 6.20
N GLY A 276 -7.68 12.73 5.38
CA GLY A 276 -6.26 13.05 5.56
C GLY A 276 -5.68 13.37 4.21
N HIS A 277 -5.16 14.58 4.02
CA HIS A 277 -4.58 15.02 2.71
C HIS A 277 -3.07 15.14 2.84
N LEU A 278 -2.28 14.60 1.90
CA LEU A 278 -0.84 14.95 1.80
C LEU A 278 -0.67 16.12 0.82
N THR A 279 -0.41 17.29 1.36
CA THR A 279 -0.39 18.60 0.65
C THR A 279 1.04 19.13 0.63
N GLU A 280 1.26 20.26 -0.05
CA GLU A 280 2.50 21.07 -0.03
C GLU A 280 2.83 21.48 1.41
N ALA A 281 1.81 21.57 2.29
CA ALA A 281 1.96 21.98 3.71
C ALA A 281 2.07 20.76 4.63
N GLY A 282 2.21 19.55 4.07
CA GLY A 282 2.31 18.31 4.85
C GLY A 282 0.98 17.64 5.00
N LEU A 283 0.85 16.78 5.99
CA LEU A 283 -0.35 15.95 6.21
C LEU A 283 -1.37 16.73 7.04
N THR A 284 -2.58 16.87 6.54
CA THR A 284 -3.65 17.65 7.18
C THR A 284 -4.81 16.69 7.46
N ILE A 285 -5.43 16.82 8.63
CA ILE A 285 -6.53 15.94 9.10
C ILE A 285 -7.86 16.71 9.06
N HIS A 286 -8.97 16.04 8.79
CA HIS A 286 -10.32 16.65 8.80
C HIS A 286 -11.24 15.68 9.56
N LEU A 287 -11.36 15.88 10.88
CA LEU A 287 -12.15 15.05 11.84
C LEU A 287 -13.46 15.76 12.11
N LEU A 288 -14.59 15.03 12.07
CA LEU A 288 -15.93 15.48 12.56
C LEU A 288 -16.17 14.97 14.01
N LYS A 289 -16.88 15.76 14.83
CA LYS A 289 -17.34 15.41 16.21
C LYS A 289 -18.19 14.11 16.24
N ASP A 290 -18.79 13.70 15.11
CA ASP A 290 -19.72 12.54 14.96
C ASP A 290 -18.95 11.20 15.05
N VAL A 291 -17.61 11.20 15.04
CA VAL A 291 -16.84 9.94 14.83
C VAL A 291 -17.16 8.95 15.95
N PRO A 292 -17.10 9.35 17.23
CA PRO A 292 -17.43 8.47 18.34
C PRO A 292 -18.84 7.86 18.20
N GLY A 293 -19.80 8.68 17.80
CA GLY A 293 -21.21 8.31 17.60
C GLY A 293 -21.32 7.30 16.48
N LEU A 294 -20.75 7.60 15.31
CA LEU A 294 -20.81 6.68 14.14
C LEU A 294 -20.23 5.31 14.51
N ILE A 295 -19.07 5.25 15.15
CA ILE A 295 -18.42 3.95 15.48
C ILE A 295 -19.28 3.20 16.52
N SER A 296 -19.62 3.85 17.65
CA SER A 296 -20.42 3.26 18.75
C SER A 296 -21.78 2.74 18.22
N GLU A 297 -22.42 3.44 17.29
CA GLU A 297 -23.72 3.03 16.67
C GLU A 297 -23.58 1.81 15.76
N ASN A 298 -22.36 1.44 15.32
CA ASN A 298 -22.22 0.38 14.30
C ASN A 298 -21.43 -0.81 14.86
N ILE A 299 -20.87 -0.67 16.05
CA ILE A 299 -19.89 -1.68 16.58
C ILE A 299 -20.62 -3.00 16.88
N GLU A 300 -21.87 -2.97 17.33
CA GLU A 300 -22.56 -4.20 17.71
C GLU A 300 -22.82 -5.04 16.45
N GLN A 301 -23.20 -4.42 15.32
CA GLN A 301 -23.39 -5.15 14.04
C GLN A 301 -22.06 -5.81 13.62
N ALA A 302 -20.95 -5.10 13.78
CA ALA A 302 -19.60 -5.63 13.45
C ALA A 302 -19.31 -6.84 14.37
N LEU A 303 -19.55 -6.71 15.67
CA LEU A 303 -19.39 -7.84 16.64
C LEU A 303 -20.21 -9.05 16.18
N GLU A 304 -21.47 -8.85 15.83
CA GLU A 304 -22.42 -9.93 15.48
C GLU A 304 -21.96 -10.60 14.19
N ASP A 305 -21.55 -9.83 13.19
CA ASP A 305 -21.12 -10.38 11.88
C ASP A 305 -19.88 -11.25 12.08
N ALA A 306 -18.98 -10.87 12.97
CA ALA A 306 -17.73 -11.60 13.27
C ALA A 306 -17.99 -12.82 14.20
N PHE A 307 -18.88 -12.71 15.18
CA PHE A 307 -18.95 -13.70 16.27
C PHE A 307 -20.15 -14.63 16.16
N GLU A 308 -21.25 -14.22 15.51
CA GLU A 308 -22.45 -15.10 15.41
C GLU A 308 -22.02 -16.44 14.80
N PRO A 309 -21.26 -16.48 13.67
CA PRO A 309 -20.75 -17.75 13.15
C PRO A 309 -20.01 -18.66 14.15
N LEU A 310 -19.51 -18.08 15.25
CA LEU A 310 -18.78 -18.82 16.31
C LEU A 310 -19.73 -19.05 17.50
N GLY A 311 -20.99 -18.63 17.37
CA GLY A 311 -22.02 -18.73 18.41
C GLY A 311 -21.66 -17.95 19.68
N ILE A 312 -20.84 -16.89 19.59
CA ILE A 312 -20.50 -16.02 20.73
C ILE A 312 -21.39 -14.78 20.67
N HIS A 313 -22.01 -14.37 21.79
CA HIS A 313 -22.99 -13.25 21.86
C HIS A 313 -22.71 -12.34 23.06
N ASN A 314 -21.92 -12.77 24.03
CA ASN A 314 -21.62 -11.99 25.26
C ASN A 314 -20.31 -11.22 25.09
N TRP A 315 -20.40 -9.91 24.90
CA TRP A 315 -19.23 -9.04 24.58
C TRP A 315 -18.35 -8.88 25.81
N ASN A 316 -18.81 -9.30 26.98
CA ASN A 316 -17.91 -9.30 28.17
C ASN A 316 -17.20 -10.65 28.28
N SER A 317 -17.52 -11.64 27.45
CA SER A 317 -16.84 -12.97 27.50
C SER A 317 -15.59 -13.00 26.59
N ILE A 318 -15.29 -11.91 25.84
CA ILE A 318 -14.14 -11.82 24.90
C ILE A 318 -13.18 -10.75 25.38
N PHE A 319 -11.90 -10.89 25.05
CA PHE A 319 -10.91 -9.80 25.30
C PHE A 319 -10.99 -8.76 24.14
N TRP A 320 -10.66 -7.51 24.45
CA TRP A 320 -10.86 -6.34 23.55
C TRP A 320 -9.51 -5.67 23.25
N ILE A 321 -9.19 -5.57 21.96
CA ILE A 321 -8.07 -4.75 21.41
C ILE A 321 -8.73 -3.67 20.55
N ALA A 322 -9.11 -2.56 21.16
CA ALA A 322 -9.76 -1.42 20.47
C ALA A 322 -8.70 -0.38 20.16
N HIS A 323 -8.62 0.07 18.90
CA HIS A 323 -7.72 1.16 18.50
C HIS A 323 -8.01 2.34 19.41
N PRO A 324 -7.06 2.79 20.27
CA PRO A 324 -7.29 3.93 21.17
C PRO A 324 -7.21 5.26 20.41
N GLY A 325 -8.24 5.54 19.62
CA GLY A 325 -8.29 6.72 18.74
C GLY A 325 -8.41 7.99 19.56
N GLY A 326 -9.03 7.87 20.73
CA GLY A 326 -9.31 8.97 21.67
C GLY A 326 -10.23 8.44 22.76
N PRO A 327 -10.37 9.14 23.89
CA PRO A 327 -11.16 8.62 25.01
C PRO A 327 -12.65 8.52 24.64
N ALA A 328 -13.11 9.35 23.74
CA ALA A 328 -14.57 9.43 23.46
C ALA A 328 -14.98 8.17 22.69
N ILE A 329 -14.14 7.71 21.77
CA ILE A 329 -14.43 6.46 21.01
C ILE A 329 -14.56 5.30 22.00
N LEU A 330 -13.59 5.14 22.89
CA LEU A 330 -13.54 3.99 23.83
C LEU A 330 -14.76 4.09 24.77
N ASP A 331 -15.07 5.29 25.27
CA ASP A 331 -16.19 5.57 26.22
C ASP A 331 -17.51 5.18 25.57
N ARG A 332 -17.74 5.62 24.34
CA ARG A 332 -19.04 5.45 23.64
C ARG A 332 -19.21 4.00 23.21
N VAL A 333 -18.13 3.34 22.77
CA VAL A 333 -18.21 1.88 22.46
C VAL A 333 -18.50 1.13 23.78
N GLU A 334 -17.74 1.42 24.85
CA GLU A 334 -17.88 0.75 26.17
C GLU A 334 -19.33 0.85 26.64
N ASP A 335 -19.93 2.03 26.51
CA ASP A 335 -21.31 2.35 26.99
C ASP A 335 -22.35 1.64 26.13
N ARG A 336 -22.27 1.76 24.81
CA ARG A 336 -23.27 1.17 23.88
C ARG A 336 -23.23 -0.37 23.95
N VAL A 337 -22.06 -0.97 24.07
CA VAL A 337 -21.89 -2.46 24.03
C VAL A 337 -22.13 -3.06 25.43
N GLY A 338 -21.98 -2.30 26.51
CA GLY A 338 -22.22 -2.73 27.89
C GLY A 338 -21.00 -3.36 28.52
N LEU A 339 -19.81 -2.79 28.35
CA LEU A 339 -18.56 -3.47 28.77
C LEU A 339 -18.26 -3.08 30.21
N ASP A 340 -17.83 -4.07 31.01
CA ASP A 340 -17.12 -3.83 32.28
C ASP A 340 -15.85 -3.03 31.96
N LYS A 341 -15.47 -2.09 32.83
CA LYS A 341 -14.27 -1.21 32.70
C LYS A 341 -12.99 -2.00 32.38
N LYS A 342 -12.89 -3.27 32.79
CA LYS A 342 -11.68 -4.10 32.63
C LYS A 342 -11.40 -4.34 31.14
N ARG A 343 -12.44 -4.40 30.31
CA ARG A 343 -12.37 -4.83 28.91
C ARG A 343 -11.48 -3.86 28.12
N MET A 344 -11.63 -2.55 28.35
CA MET A 344 -10.90 -1.46 27.63
C MET A 344 -9.61 -1.08 28.39
N ARG A 345 -9.25 -1.74 29.49
CA ARG A 345 -8.06 -1.34 30.33
C ARG A 345 -6.79 -1.27 29.46
N ALA A 346 -6.48 -2.30 28.67
CA ALA A 346 -5.23 -2.34 27.87
C ALA A 346 -5.25 -1.24 26.80
N SER A 347 -6.38 -1.03 26.13
CA SER A 347 -6.52 0.07 25.14
C SER A 347 -6.25 1.41 25.84
N ARG A 348 -6.85 1.63 27.02
CA ARG A 348 -6.72 2.94 27.75
C ARG A 348 -5.31 3.12 28.31
N GLU A 349 -4.61 2.04 28.62
CA GLU A 349 -3.20 2.14 29.05
C GLU A 349 -2.34 2.64 27.87
N VAL A 350 -2.58 2.12 26.66
CA VAL A 350 -1.80 2.54 25.46
C VAL A 350 -2.10 4.03 25.21
N LEU A 351 -3.38 4.42 25.24
CA LEU A 351 -3.80 5.84 25.04
C LEU A 351 -3.07 6.71 26.09
N SER A 352 -3.12 6.29 27.35
CA SER A 352 -2.48 6.99 28.49
C SER A 352 -0.97 7.13 28.26
N GLU A 353 -0.29 6.07 27.82
CA GLU A 353 1.18 6.03 27.86
C GLU A 353 1.79 6.52 26.54
N TYR A 354 1.02 6.60 25.45
CA TYR A 354 1.58 6.83 24.09
C TYR A 354 0.67 7.73 23.24
N GLY A 355 -0.55 8.00 23.65
CA GLY A 355 -1.55 8.63 22.78
C GLY A 355 -1.99 7.71 21.63
N ASN A 356 -2.52 8.34 20.59
CA ASN A 356 -2.93 7.71 19.32
C ASN A 356 -1.70 7.64 18.39
N MET A 357 -1.23 6.43 18.10
CA MET A 357 -0.04 6.20 17.25
C MET A 357 -0.49 5.59 15.92
N SER A 358 -1.66 6.01 15.44
CA SER A 358 -2.21 5.53 14.15
C SER A 358 -2.06 4.01 14.04
N SER A 359 -1.50 3.53 12.93
CA SER A 359 -1.50 2.10 12.54
C SER A 359 -0.79 1.26 13.63
N ALA A 360 0.16 1.82 14.38
CA ALA A 360 0.96 1.08 15.38
C ALA A 360 0.15 0.68 16.64
N SER A 361 -0.90 1.41 17.00
CA SER A 361 -1.52 1.38 18.35
C SER A 361 -2.00 -0.04 18.70
N VAL A 362 -2.69 -0.71 17.81
CA VAL A 362 -3.39 -1.97 18.16
C VAL A 362 -2.34 -3.03 18.51
N LEU A 363 -1.16 -2.99 17.90
CA LEU A 363 -0.06 -3.93 18.23
C LEU A 363 0.49 -3.56 19.61
N PHE A 364 0.55 -2.28 19.98
CA PHE A 364 0.94 -1.87 21.36
C PHE A 364 -0.08 -2.48 22.34
N VAL A 365 -1.37 -2.42 21.97
CA VAL A 365 -2.45 -2.92 22.87
C VAL A 365 -2.25 -4.42 23.04
N LEU A 366 -2.04 -5.14 21.94
CA LEU A 366 -1.86 -6.62 21.97
C LEU A 366 -0.70 -6.92 22.91
N ASP A 367 0.38 -6.15 22.80
CA ASP A 367 1.61 -6.40 23.59
C ASP A 367 1.30 -6.10 25.06
N VAL A 368 0.60 -4.99 25.36
CA VAL A 368 0.23 -4.64 26.76
C VAL A 368 -0.65 -5.77 27.30
N MET A 369 -1.56 -6.27 26.49
CA MET A 369 -2.52 -7.26 27.01
C MET A 369 -1.80 -8.56 27.38
N ARG A 370 -0.90 -9.08 26.54
CA ARG A 370 -0.26 -10.40 26.82
C ARG A 370 0.69 -10.22 28.03
N LYS A 371 1.33 -9.07 28.17
CA LYS A 371 2.30 -8.81 29.27
C LYS A 371 1.55 -8.65 30.60
N SER A 372 0.45 -7.91 30.61
CA SER A 372 -0.33 -7.67 31.86
C SER A 372 -1.05 -8.98 32.23
N SER A 373 -1.46 -9.78 31.25
CA SER A 373 -2.12 -11.09 31.51
C SER A 373 -1.15 -12.04 32.22
N ALA A 374 0.11 -12.07 31.80
CA ALA A 374 1.13 -12.95 32.42
C ALA A 374 1.46 -12.41 33.82
N LYS A 375 1.65 -11.10 33.96
CA LYS A 375 2.03 -10.43 35.22
C LYS A 375 0.94 -10.65 36.27
N ASP A 376 -0.34 -10.65 35.89
CA ASP A 376 -1.49 -10.81 36.83
C ASP A 376 -1.85 -12.30 36.95
N GLY A 377 -0.93 -13.20 36.58
CA GLY A 377 -1.10 -14.66 36.57
C GLY A 377 -2.45 -15.13 36.03
N LEU A 378 -2.96 -14.59 34.93
CA LEU A 378 -4.22 -15.08 34.31
C LEU A 378 -3.90 -16.29 33.43
N ALA A 379 -4.94 -17.00 32.96
CA ALA A 379 -4.84 -18.33 32.30
C ALA A 379 -4.38 -18.20 30.84
N THR A 380 -4.66 -17.06 30.18
CA THR A 380 -4.42 -16.87 28.72
C THR A 380 -3.79 -15.51 28.45
N THR A 381 -3.29 -15.34 27.24
CA THR A 381 -2.64 -14.09 26.77
C THR A 381 -3.71 -13.01 26.59
N GLY A 382 -4.98 -13.39 26.52
CA GLY A 382 -6.14 -12.51 26.45
C GLY A 382 -6.92 -12.44 27.75
N GLU A 383 -6.25 -12.10 28.86
CA GLU A 383 -6.90 -11.79 30.16
C GLU A 383 -7.79 -12.97 30.61
N GLY A 384 -7.34 -14.19 30.33
CA GLY A 384 -8.01 -15.41 30.78
C GLY A 384 -9.14 -15.82 29.85
N LYS A 385 -9.49 -15.04 28.83
CA LYS A 385 -10.56 -15.43 27.88
C LYS A 385 -9.90 -16.15 26.71
N ASP A 386 -10.69 -16.93 25.98
CA ASP A 386 -10.27 -17.69 24.78
C ASP A 386 -10.34 -16.81 23.51
N TRP A 387 -11.46 -16.10 23.34
CA TRP A 387 -11.80 -15.34 22.11
C TRP A 387 -11.63 -13.85 22.36
N GLY A 388 -11.20 -13.13 21.32
CA GLY A 388 -10.86 -11.71 21.39
C GLY A 388 -11.29 -11.02 20.12
N VAL A 389 -11.46 -9.71 20.21
CA VAL A 389 -11.81 -8.88 19.02
C VAL A 389 -10.77 -7.78 18.92
N LEU A 390 -10.30 -7.53 17.70
CA LEU A 390 -9.40 -6.40 17.40
C LEU A 390 -10.11 -5.49 16.39
N PHE A 391 -10.26 -4.20 16.74
CA PHE A 391 -10.91 -3.15 15.94
C PHE A 391 -9.86 -2.10 15.52
N GLY A 392 -9.83 -1.86 14.22
CA GLY A 392 -9.23 -0.67 13.62
C GLY A 392 -10.30 0.24 13.08
N PHE A 393 -10.08 1.56 13.19
CA PHE A 393 -11.03 2.60 12.75
C PHE A 393 -10.23 3.60 11.90
N GLY A 394 -10.77 4.08 10.81
CA GLY A 394 -10.13 5.24 10.16
C GLY A 394 -10.93 5.73 8.97
N PRO A 395 -10.28 6.40 8.01
CA PRO A 395 -10.96 7.06 6.91
C PRO A 395 -11.95 6.17 6.17
N GLY A 396 -13.16 6.66 5.89
CA GLY A 396 -14.14 5.87 5.14
C GLY A 396 -15.59 6.30 5.38
N LEU A 397 -16.10 6.14 6.61
CA LEU A 397 -15.35 5.75 7.78
C LEU A 397 -15.22 4.21 7.78
N THR A 398 -14.03 3.70 8.02
CA THR A 398 -13.73 2.24 7.90
C THR A 398 -13.60 1.64 9.29
N VAL A 399 -14.27 0.52 9.50
CA VAL A 399 -14.12 -0.32 10.71
C VAL A 399 -13.60 -1.67 10.22
N GLU A 400 -12.44 -2.05 10.73
CA GLU A 400 -11.84 -3.37 10.48
C GLU A 400 -12.01 -4.21 11.74
N THR A 401 -12.49 -5.45 11.60
CA THR A 401 -12.78 -6.36 12.75
C THR A 401 -12.03 -7.66 12.56
N LEU A 402 -11.14 -7.99 13.49
CA LEU A 402 -10.43 -9.29 13.49
C LEU A 402 -10.90 -10.08 14.71
N VAL A 403 -11.20 -11.34 14.51
CA VAL A 403 -11.41 -12.29 15.65
C VAL A 403 -10.05 -12.87 15.97
N LEU A 404 -9.66 -12.80 17.26
CA LEU A 404 -8.41 -13.39 17.79
C LEU A 404 -8.76 -14.58 18.69
N HIS A 405 -7.79 -15.44 18.91
CA HIS A 405 -7.84 -16.51 19.93
C HIS A 405 -6.56 -16.39 20.75
N SER A 406 -6.71 -16.43 22.05
CA SER A 406 -5.60 -16.38 23.02
C SER A 406 -4.93 -17.74 23.01
N VAL A 407 -3.80 -17.84 23.70
CA VAL A 407 -3.06 -19.11 23.95
C VAL A 407 -2.81 -19.17 25.46
N PRO A 408 -2.76 -20.37 26.05
CA PRO A 408 -2.50 -20.52 27.49
C PRO A 408 -1.17 -19.89 27.95
N VAL A 409 -1.05 -19.48 29.20
CA VAL A 409 0.23 -18.91 29.74
C VAL A 409 1.04 -20.01 30.45
N ARG B 28 -10.91 -23.42 9.61
CA ARG B 28 -9.72 -23.05 8.75
C ARG B 28 -9.75 -23.87 7.45
N MET B 29 -9.82 -25.21 7.54
CA MET B 29 -9.88 -26.12 6.36
C MET B 29 -11.14 -25.83 5.54
N ALA B 30 -12.20 -25.36 6.20
CA ALA B 30 -13.49 -24.92 5.64
C ALA B 30 -13.39 -23.52 4.98
N GLN B 31 -12.72 -22.55 5.64
CA GLN B 31 -12.68 -21.14 5.19
C GLN B 31 -11.76 -20.98 3.95
N ARG B 32 -10.91 -21.95 3.58
CA ARG B 32 -9.91 -21.83 2.47
C ARG B 32 -10.41 -22.43 1.15
N ALA B 33 -9.95 -21.90 0.00
CA ALA B 33 -10.29 -22.38 -1.37
C ALA B 33 -9.37 -23.55 -1.70
N GLU B 34 -9.63 -24.31 -2.78
CA GLU B 34 -8.84 -25.53 -3.10
C GLU B 34 -7.78 -25.28 -4.19
N GLY B 35 -8.16 -24.66 -5.29
CA GLY B 35 -7.35 -24.60 -6.53
C GLY B 35 -6.45 -23.39 -6.59
N LEU B 36 -5.91 -23.11 -7.78
CA LEU B 36 -4.96 -22.00 -8.01
C LEU B 36 -5.74 -20.72 -8.29
N ALA B 37 -5.25 -19.60 -7.79
CA ALA B 37 -5.75 -18.26 -8.19
C ALA B 37 -5.72 -18.13 -9.71
N THR B 38 -6.81 -17.68 -10.30
CA THR B 38 -7.02 -17.65 -11.77
C THR B 38 -7.51 -16.27 -12.17
N VAL B 39 -6.96 -15.71 -13.24
CA VAL B 39 -7.49 -14.47 -13.88
C VAL B 39 -8.75 -14.90 -14.65
N LEU B 40 -9.92 -14.31 -14.35
CA LEU B 40 -11.23 -14.69 -14.91
C LEU B 40 -11.67 -13.62 -15.92
N ALA B 41 -11.00 -12.46 -15.93
CA ALA B 41 -11.38 -11.32 -16.78
C ALA B 41 -10.28 -10.25 -16.69
N ILE B 42 -10.10 -9.52 -17.78
CA ILE B 42 -9.16 -8.36 -17.86
C ILE B 42 -9.87 -7.24 -18.63
N GLY B 43 -9.90 -6.04 -18.06
CA GLY B 43 -10.35 -4.82 -18.75
C GLY B 43 -9.30 -3.75 -18.68
N THR B 44 -9.25 -2.86 -19.68
CA THR B 44 -8.28 -1.73 -19.72
C THR B 44 -8.98 -0.43 -20.12
N ALA B 45 -8.38 0.71 -19.77
CA ALA B 45 -8.93 2.03 -20.13
C ALA B 45 -7.79 3.04 -20.20
N VAL B 46 -7.95 4.02 -21.09
CA VAL B 46 -6.94 5.10 -21.26
C VAL B 46 -7.71 6.40 -21.39
N PRO B 47 -7.12 7.54 -20.99
CA PRO B 47 -7.68 8.86 -21.34
C PRO B 47 -7.86 8.96 -22.86
N ALA B 48 -8.99 9.49 -23.33
CA ALA B 48 -9.32 9.69 -24.76
C ALA B 48 -8.21 10.49 -25.45
N ASN B 49 -7.65 11.49 -24.77
CA ASN B 49 -6.58 12.34 -25.34
C ASN B 49 -5.35 11.48 -25.73
N CYS B 50 -5.08 11.41 -27.02
CA CYS B 50 -4.01 10.58 -27.65
C CYS B 50 -2.89 11.51 -28.17
N VAL B 51 -1.64 11.35 -27.70
CA VAL B 51 -0.49 12.17 -28.17
C VAL B 51 0.44 11.25 -28.97
N TYR B 52 0.56 11.52 -30.27
CA TYR B 52 1.47 10.79 -31.20
C TYR B 52 2.91 11.19 -30.87
N GLN B 53 3.77 10.19 -30.79
CA GLN B 53 5.20 10.36 -30.42
C GLN B 53 5.96 11.13 -31.51
N ALA B 54 5.58 10.94 -32.77
CA ALA B 54 6.31 11.53 -33.95
C ALA B 54 6.37 13.05 -33.79
N THR B 55 5.31 13.68 -33.28
CA THR B 55 5.22 15.16 -33.10
C THR B 55 5.51 15.59 -31.66
N TYR B 56 5.86 14.66 -30.75
CA TYR B 56 5.81 14.98 -29.30
C TYR B 56 6.91 15.97 -28.94
N PRO B 57 8.15 15.83 -29.44
CA PRO B 57 9.19 16.79 -29.08
C PRO B 57 8.73 18.24 -29.30
N ASP B 58 8.04 18.51 -30.41
CA ASP B 58 7.53 19.87 -30.75
C ASP B 58 6.46 20.25 -29.73
N TYR B 59 5.47 19.39 -29.48
CA TYR B 59 4.40 19.65 -28.47
C TYR B 59 5.04 19.97 -27.10
N TYR B 60 5.97 19.13 -26.64
CA TYR B 60 6.47 19.16 -25.23
C TYR B 60 7.22 20.47 -25.04
N PHE B 61 8.17 20.75 -25.93
CA PHE B 61 9.02 21.96 -25.83
C PHE B 61 8.17 23.22 -26.01
N ARG B 62 7.09 23.15 -26.78
CA ARG B 62 6.16 24.31 -26.99
C ARG B 62 5.31 24.59 -25.75
N VAL B 63 4.55 23.60 -25.26
CA VAL B 63 3.60 23.81 -24.11
C VAL B 63 4.40 24.14 -22.85
N THR B 64 5.65 23.70 -22.72
CA THR B 64 6.50 24.04 -21.55
C THR B 64 7.31 25.31 -21.81
N LYS B 65 7.03 26.02 -22.92
CA LYS B 65 7.71 27.31 -23.28
C LYS B 65 9.22 27.16 -23.14
N SER B 66 9.80 26.12 -23.73
CA SER B 66 11.26 25.84 -23.60
C SER B 66 11.94 25.77 -24.98
N GLU B 67 11.37 26.41 -26.01
CA GLU B 67 11.85 26.24 -27.40
C GLU B 67 13.28 26.79 -27.54
N HIS B 68 13.72 27.64 -26.62
CA HIS B 68 15.08 28.22 -26.60
C HIS B 68 16.11 27.15 -26.20
N LEU B 69 15.71 26.00 -25.68
CA LEU B 69 16.67 24.93 -25.30
C LEU B 69 16.84 23.95 -26.48
N ALA B 70 17.48 24.40 -27.57
CA ALA B 70 17.64 23.67 -28.86
C ALA B 70 18.35 22.34 -28.67
N ASP B 71 19.46 22.32 -27.94
CA ASP B 71 20.29 21.11 -27.67
C ASP B 71 19.44 20.08 -26.93
N LEU B 72 18.79 20.53 -25.86
CA LEU B 72 17.90 19.68 -25.03
C LEU B 72 16.80 19.09 -25.93
N LYS B 73 16.23 19.88 -26.84
CA LYS B 73 15.10 19.46 -27.72
C LYS B 73 15.60 18.42 -28.74
N GLU B 74 16.83 18.57 -29.24
CA GLU B 74 17.46 17.63 -30.20
C GLU B 74 17.68 16.30 -29.48
N LYS B 75 18.23 16.35 -28.26
CA LYS B 75 18.41 15.15 -27.40
C LYS B 75 17.05 14.48 -27.16
N PHE B 76 16.01 15.26 -26.86
CA PHE B 76 14.64 14.75 -26.62
C PHE B 76 14.11 14.14 -27.91
N GLN B 77 14.39 14.75 -29.07
CA GLN B 77 13.98 14.20 -30.39
C GLN B 77 14.57 12.78 -30.58
N ARG B 78 15.85 12.58 -30.23
CA ARG B 78 16.52 11.27 -30.40
C ARG B 78 15.88 10.24 -29.45
N MET B 79 15.59 10.62 -28.20
CA MET B 79 14.92 9.74 -27.19
C MET B 79 13.59 9.27 -27.73
N CYS B 80 12.77 10.17 -28.29
CA CYS B 80 11.44 9.86 -28.84
C CYS B 80 11.59 8.96 -30.07
N ASP B 81 12.60 9.23 -30.91
CA ASP B 81 12.82 8.46 -32.17
C ASP B 81 13.23 7.02 -31.84
N LYS B 82 13.99 6.79 -30.77
CA LYS B 82 14.44 5.44 -30.35
C LYS B 82 13.43 4.78 -29.38
N SER B 83 12.33 5.46 -29.02
CA SER B 83 11.44 5.06 -27.89
C SER B 83 10.65 3.81 -28.25
N MET B 84 10.39 3.63 -29.56
CA MET B 84 9.57 2.54 -30.15
C MET B 84 8.14 2.71 -29.64
N ILE B 85 7.76 3.97 -29.36
CA ILE B 85 6.39 4.34 -28.93
C ILE B 85 5.74 5.05 -30.11
N ARG B 86 4.56 4.61 -30.53
CA ARG B 86 3.83 5.29 -31.62
C ARG B 86 2.91 6.34 -31.01
N LYS B 87 2.27 6.02 -29.88
CA LYS B 87 1.36 6.97 -29.20
C LYS B 87 1.27 6.63 -27.71
N ARG B 88 0.86 7.62 -26.93
CA ARG B 88 0.50 7.49 -25.50
C ARG B 88 -0.82 8.19 -25.30
N HIS B 89 -1.59 7.74 -24.31
CA HIS B 89 -2.80 8.44 -23.83
C HIS B 89 -2.43 9.28 -22.61
N MET B 90 -2.89 10.52 -22.59
CA MET B 90 -2.55 11.47 -21.53
C MET B 90 -3.80 12.26 -21.13
N HIS B 91 -4.13 12.26 -19.85
CA HIS B 91 -5.27 13.07 -19.32
C HIS B 91 -4.94 14.55 -19.52
N LEU B 92 -3.72 14.91 -19.16
CA LEU B 92 -3.11 16.25 -19.33
C LEU B 92 -3.25 16.68 -20.79
N THR B 93 -3.95 17.80 -21.01
CA THR B 93 -4.15 18.47 -22.32
C THR B 93 -3.47 19.82 -22.24
N GLU B 94 -3.35 20.51 -23.38
CA GLU B 94 -2.79 21.89 -23.40
C GLU B 94 -3.66 22.79 -22.51
N GLU B 95 -4.99 22.64 -22.61
CA GLU B 95 -5.95 23.49 -21.87
C GLU B 95 -5.65 23.39 -20.36
N ILE B 96 -5.43 22.17 -19.83
CA ILE B 96 -5.14 21.99 -18.38
C ILE B 96 -3.76 22.59 -18.08
N LEU B 97 -2.81 22.47 -19.01
CA LEU B 97 -1.44 23.01 -18.78
C LEU B 97 -1.46 24.54 -18.77
N ILE B 98 -2.26 25.16 -19.63
CA ILE B 98 -2.40 26.66 -19.69
C ILE B 98 -2.96 27.15 -18.34
N LYS B 99 -3.97 26.46 -17.77
CA LYS B 99 -4.59 26.79 -16.46
C LYS B 99 -3.69 26.42 -15.28
N ASN B 100 -2.58 25.70 -15.49
CA ASN B 100 -1.63 25.31 -14.41
C ASN B 100 -0.20 25.55 -14.86
N PRO B 101 0.23 26.81 -15.06
CA PRO B 101 1.60 27.09 -15.49
C PRO B 101 2.67 26.48 -14.58
N LYS B 102 2.41 26.35 -13.27
CA LYS B 102 3.41 25.89 -12.28
C LYS B 102 3.81 24.43 -12.60
N ILE B 103 2.91 23.66 -13.22
CA ILE B 103 3.15 22.24 -13.66
C ILE B 103 4.11 22.23 -14.86
N CYS B 104 4.08 23.26 -15.73
CA CYS B 104 4.96 23.41 -16.92
C CYS B 104 6.37 23.84 -16.55
N ALA B 105 6.57 24.46 -15.39
CA ALA B 105 7.94 24.76 -14.90
C ALA B 105 8.61 23.43 -14.53
N HIS B 106 9.92 23.44 -14.29
CA HIS B 106 10.67 22.21 -13.99
C HIS B 106 10.39 21.78 -12.55
N MET B 107 10.50 22.70 -11.59
CA MET B 107 10.56 22.34 -10.15
C MET B 107 9.92 23.44 -9.32
N GLU B 108 8.74 23.91 -9.70
CA GLU B 108 7.95 24.90 -8.89
C GLU B 108 6.92 24.16 -8.04
N THR B 109 6.52 24.76 -6.92
CA THR B 109 5.47 24.26 -6.00
C THR B 109 4.20 24.01 -6.80
N SER B 110 3.78 22.75 -6.91
CA SER B 110 2.65 22.33 -7.78
C SER B 110 1.95 21.06 -7.25
N LEU B 111 2.37 20.49 -6.12
CA LEU B 111 1.77 19.21 -5.68
C LEU B 111 0.24 19.32 -5.56
N ASP B 112 -0.28 20.41 -5.00
CA ASP B 112 -1.74 20.53 -4.73
C ASP B 112 -2.48 20.56 -6.05
N ALA B 113 -2.00 21.32 -7.06
CA ALA B 113 -2.68 21.36 -8.39
C ALA B 113 -2.66 19.97 -9.06
N ARG B 114 -1.54 19.27 -8.92
CA ARG B 114 -1.35 17.91 -9.50
C ARG B 114 -2.32 16.96 -8.80
N HIS B 115 -2.35 16.99 -7.46
CA HIS B 115 -3.29 16.15 -6.67
C HIS B 115 -4.73 16.47 -7.06
N ALA B 116 -5.08 17.74 -7.33
CA ALA B 116 -6.48 18.13 -7.61
C ALA B 116 -6.97 17.37 -8.86
N ILE B 117 -6.07 17.11 -9.79
CA ILE B 117 -6.33 16.32 -11.03
C ILE B 117 -6.30 14.82 -10.68
N ALA B 118 -5.19 14.33 -10.13
CA ALA B 118 -4.89 12.87 -10.06
C ALA B 118 -5.81 12.20 -9.04
N LEU B 119 -6.12 12.84 -7.91
CA LEU B 119 -6.96 12.19 -6.86
C LEU B 119 -8.40 11.95 -7.39
N VAL B 120 -8.85 12.70 -8.40
CA VAL B 120 -10.14 12.48 -9.13
C VAL B 120 -9.92 11.51 -10.30
N GLU B 121 -8.90 11.70 -11.11
CA GLU B 121 -8.82 10.96 -12.41
C GLU B 121 -8.35 9.51 -12.23
N VAL B 122 -7.59 9.20 -11.17
CA VAL B 122 -7.02 7.84 -10.95
C VAL B 122 -8.16 6.87 -10.68
N PRO B 123 -9.04 7.09 -9.67
CA PRO B 123 -10.19 6.23 -9.44
C PRO B 123 -11.12 6.21 -10.67
N LYS B 124 -11.32 7.34 -11.34
CA LYS B 124 -12.25 7.43 -12.48
C LYS B 124 -11.71 6.55 -13.62
N LEU B 125 -10.42 6.63 -13.95
CA LEU B 125 -9.85 5.75 -15.01
C LEU B 125 -9.91 4.29 -14.54
N GLY B 126 -9.62 4.03 -13.26
CA GLY B 126 -9.71 2.67 -12.69
C GLY B 126 -11.12 2.12 -12.83
N GLN B 127 -12.14 2.96 -12.65
CA GLN B 127 -13.56 2.59 -12.84
C GLN B 127 -13.79 2.20 -14.29
N GLY B 128 -13.26 2.96 -15.25
CA GLY B 128 -13.32 2.58 -16.69
C GLY B 128 -12.82 1.16 -16.90
N ALA B 129 -11.66 0.82 -16.37
CA ALA B 129 -11.05 -0.51 -16.59
C ALA B 129 -11.88 -1.55 -15.83
N ALA B 130 -12.25 -1.25 -14.59
CA ALA B 130 -12.97 -2.18 -13.69
C ALA B 130 -14.33 -2.57 -14.31
N GLU B 131 -15.09 -1.60 -14.83
CA GLU B 131 -16.39 -1.85 -15.51
C GLU B 131 -16.22 -2.86 -16.65
N LYS B 132 -15.17 -2.69 -17.47
CA LYS B 132 -14.89 -3.58 -18.61
C LYS B 132 -14.56 -4.98 -18.08
N ALA B 133 -13.73 -5.11 -17.05
CA ALA B 133 -13.40 -6.45 -16.50
C ALA B 133 -14.69 -7.07 -15.94
N ILE B 134 -15.49 -6.30 -15.23
CA ILE B 134 -16.75 -6.81 -14.61
C ILE B 134 -17.72 -7.27 -15.71
N LYS B 135 -17.79 -6.58 -16.85
CA LYS B 135 -18.68 -6.98 -17.99
C LYS B 135 -18.20 -8.31 -18.61
N GLU B 136 -16.89 -8.50 -18.75
CA GLU B 136 -16.33 -9.75 -19.31
C GLU B 136 -16.68 -10.89 -18.35
N TRP B 137 -16.49 -10.67 -17.05
CA TRP B 137 -16.73 -11.66 -15.96
C TRP B 137 -18.21 -12.05 -15.92
N GLY B 138 -19.11 -11.08 -15.88
CA GLY B 138 -20.57 -11.30 -16.02
C GLY B 138 -21.28 -11.68 -14.71
N GLN B 139 -20.55 -11.78 -13.60
CA GLN B 139 -21.15 -12.04 -12.27
C GLN B 139 -21.65 -10.74 -11.67
N PRO B 140 -22.57 -10.81 -10.69
CA PRO B 140 -23.00 -9.62 -9.95
C PRO B 140 -21.86 -9.01 -9.12
N LEU B 141 -21.87 -7.67 -8.98
CA LEU B 141 -20.90 -6.88 -8.18
C LEU B 141 -20.79 -7.39 -6.76
N SER B 142 -21.91 -7.83 -6.20
CA SER B 142 -22.01 -8.40 -4.83
C SER B 142 -21.04 -9.56 -4.68
N LYS B 143 -20.66 -10.26 -5.75
CA LYS B 143 -19.72 -11.42 -5.64
C LYS B 143 -18.28 -10.91 -5.43
N ILE B 144 -18.00 -9.63 -5.66
CA ILE B 144 -16.63 -9.10 -5.41
C ILE B 144 -16.44 -8.97 -3.91
N THR B 145 -15.49 -9.71 -3.36
CA THR B 145 -15.25 -9.78 -1.90
C THR B 145 -14.07 -8.90 -1.51
N HIS B 146 -13.14 -8.65 -2.41
CA HIS B 146 -11.86 -7.93 -2.10
C HIS B 146 -11.55 -6.99 -3.26
N LEU B 147 -10.91 -5.88 -2.94
CA LEU B 147 -10.42 -4.91 -3.94
C LEU B 147 -8.96 -4.60 -3.58
N VAL B 148 -8.08 -4.71 -4.55
CA VAL B 148 -6.67 -4.27 -4.46
C VAL B 148 -6.50 -3.15 -5.50
N PHE B 149 -6.24 -1.94 -5.03
CA PHE B 149 -6.02 -0.74 -5.90
C PHE B 149 -4.56 -0.37 -5.78
N CYS B 150 -3.92 -0.18 -6.92
CA CYS B 150 -2.49 0.18 -7.00
C CYS B 150 -2.31 1.43 -7.87
N THR B 151 -1.54 2.39 -7.41
CA THR B 151 -1.15 3.56 -8.24
C THR B 151 0.22 4.07 -7.79
N THR B 152 0.82 4.85 -8.67
CA THR B 152 2.06 5.62 -8.44
C THR B 152 1.70 7.10 -8.53
N SER B 153 0.42 7.42 -8.67
CA SER B 153 -0.08 8.77 -9.10
C SER B 153 -0.90 9.44 -7.98
N GLY B 154 -0.24 9.91 -6.93
CA GLY B 154 -0.87 10.69 -5.86
C GLY B 154 -1.29 9.80 -4.71
N VAL B 155 -1.51 10.39 -3.54
CA VAL B 155 -1.94 9.64 -2.33
C VAL B 155 -2.99 10.48 -1.61
N ASP B 156 -3.87 9.81 -0.84
CA ASP B 156 -5.01 10.46 -0.18
C ASP B 156 -5.62 9.49 0.83
N MET B 157 -6.31 10.06 1.82
CA MET B 157 -7.12 9.29 2.80
C MET B 157 -8.52 9.95 2.86
N PRO B 158 -9.62 9.21 2.62
CA PRO B 158 -9.59 7.84 2.18
C PRO B 158 -8.94 7.68 0.80
N GLY B 159 -8.47 6.46 0.49
CA GLY B 159 -7.74 6.18 -0.75
C GLY B 159 -8.59 6.00 -1.99
N ALA B 160 -7.93 5.82 -3.14
CA ALA B 160 -8.57 5.48 -4.42
C ALA B 160 -9.39 4.20 -4.28
N ASP B 161 -8.99 3.31 -3.38
CA ASP B 161 -9.75 2.07 -3.10
C ASP B 161 -11.17 2.41 -2.62
N TYR B 162 -11.27 3.30 -1.64
CA TYR B 162 -12.55 3.85 -1.14
C TYR B 162 -13.30 4.50 -2.28
N GLN B 163 -12.63 5.36 -3.06
CA GLN B 163 -13.32 6.15 -4.12
C GLN B 163 -13.89 5.20 -5.15
N LEU B 164 -13.17 4.14 -5.48
CA LEU B 164 -13.61 3.18 -6.52
C LEU B 164 -14.75 2.32 -5.99
N THR B 165 -14.68 1.94 -4.71
CA THR B 165 -15.78 1.20 -4.03
C THR B 165 -17.07 2.03 -4.22
N LYS B 166 -16.98 3.33 -3.95
CA LYS B 166 -18.12 4.26 -4.12
C LYS B 166 -18.51 4.34 -5.61
N LEU B 167 -17.58 4.51 -6.54
CA LEU B 167 -17.93 4.71 -7.96
C LEU B 167 -18.65 3.47 -8.51
N LEU B 168 -18.20 2.25 -8.21
CA LEU B 168 -18.74 1.02 -8.82
C LEU B 168 -19.99 0.55 -8.08
N GLY B 169 -20.16 0.96 -6.83
CA GLY B 169 -21.19 0.44 -5.93
C GLY B 169 -20.83 -0.95 -5.46
N LEU B 170 -19.58 -1.20 -5.08
CA LEU B 170 -19.21 -2.49 -4.41
C LEU B 170 -19.89 -2.54 -3.04
N SER B 171 -19.94 -3.71 -2.45
CA SER B 171 -20.46 -3.89 -1.08
C SER B 171 -19.58 -3.10 -0.12
N PRO B 172 -20.18 -2.39 0.86
CA PRO B 172 -19.38 -1.73 1.89
C PRO B 172 -18.48 -2.69 2.69
N THR B 173 -18.76 -4.00 2.65
CA THR B 173 -17.99 -5.05 3.38
C THR B 173 -16.84 -5.54 2.51
N VAL B 174 -16.62 -4.92 1.35
CA VAL B 174 -15.49 -5.31 0.45
C VAL B 174 -14.20 -5.09 1.24
N LYS B 175 -13.31 -6.08 1.28
CA LYS B 175 -12.01 -5.95 1.98
C LYS B 175 -10.98 -5.34 1.03
N ARG B 176 -10.42 -4.20 1.41
CA ARG B 176 -9.64 -3.33 0.49
C ARG B 176 -8.16 -3.34 0.90
N LEU B 177 -7.31 -3.39 -0.11
CA LEU B 177 -5.87 -3.07 0.03
C LEU B 177 -5.54 -1.93 -0.91
N MET B 178 -5.01 -0.86 -0.35
CA MET B 178 -4.64 0.40 -1.07
C MET B 178 -3.12 0.44 -1.20
N MET B 179 -2.60 0.19 -2.40
CA MET B 179 -1.16 0.08 -2.73
C MET B 179 -0.78 1.40 -3.43
N TYR B 180 -0.22 2.30 -2.63
CA TYR B 180 0.18 3.68 -3.02
C TYR B 180 1.67 3.70 -3.30
N GLN B 181 2.09 4.55 -4.27
CA GLN B 181 3.50 4.89 -4.52
C GLN B 181 4.27 3.59 -4.82
N GLN B 182 3.72 2.74 -5.68
CA GLN B 182 4.22 1.36 -5.90
C GLN B 182 5.33 1.33 -6.94
N GLY B 183 5.13 2.00 -8.08
CA GLY B 183 6.04 1.97 -9.23
C GLY B 183 5.67 0.87 -10.20
N CYS B 184 6.59 0.52 -11.10
CA CYS B 184 6.30 -0.31 -12.30
C CYS B 184 6.19 -1.80 -11.96
N PHE B 185 6.47 -2.23 -10.72
CA PHE B 185 6.32 -3.68 -10.33
C PHE B 185 4.97 -3.87 -9.61
N GLY B 186 4.22 -2.80 -9.43
CA GLY B 186 2.91 -2.81 -8.75
C GLY B 186 1.94 -3.76 -9.43
N GLY B 187 1.99 -3.88 -10.75
CA GLY B 187 1.09 -4.79 -11.50
C GLY B 187 1.36 -6.26 -11.12
N ALA B 188 2.62 -6.63 -10.99
CA ALA B 188 3.06 -7.93 -10.44
C ALA B 188 2.59 -8.07 -8.98
N THR B 189 2.78 -7.03 -8.17
CA THR B 189 2.49 -7.08 -6.70
C THR B 189 1.01 -7.37 -6.47
N VAL B 190 0.11 -6.75 -7.24
CA VAL B 190 -1.35 -6.94 -7.03
C VAL B 190 -1.73 -8.38 -7.35
N LEU B 191 -1.05 -9.02 -8.29
CA LEU B 191 -1.36 -10.41 -8.68
C LEU B 191 -0.87 -11.37 -7.58
N ARG B 192 0.30 -11.08 -7.01
CA ARG B 192 0.83 -11.84 -5.84
C ARG B 192 -0.17 -11.73 -4.69
N LEU B 193 -0.66 -10.53 -4.41
CA LEU B 193 -1.64 -10.28 -3.33
C LEU B 193 -2.91 -11.03 -3.61
N ALA B 194 -3.47 -10.88 -4.82
CA ALA B 194 -4.74 -11.49 -5.20
C ALA B 194 -4.57 -13.00 -5.07
N LYS B 195 -3.39 -13.54 -5.39
CA LYS B 195 -3.11 -14.99 -5.37
C LYS B 195 -3.35 -15.51 -3.94
N ASP B 196 -2.68 -14.94 -2.94
CA ASP B 196 -2.79 -15.34 -1.52
C ASP B 196 -4.24 -15.17 -1.03
N ILE B 197 -4.85 -14.01 -1.27
CA ILE B 197 -6.28 -13.79 -0.91
C ILE B 197 -7.18 -14.83 -1.56
N ALA B 198 -7.13 -15.00 -2.88
CA ALA B 198 -8.11 -15.87 -3.57
C ALA B 198 -7.92 -17.33 -3.10
N GLU B 199 -6.69 -17.76 -2.83
CA GLU B 199 -6.42 -19.20 -2.55
C GLU B 199 -6.73 -19.48 -1.07
N ASN B 200 -6.60 -18.48 -0.20
CA ASN B 200 -6.81 -18.67 1.25
C ASN B 200 -8.27 -18.42 1.65
N ASN B 201 -9.14 -17.93 0.75
CA ASN B 201 -10.53 -17.54 1.11
C ASN B 201 -11.51 -18.16 0.12
N ARG B 202 -12.22 -19.20 0.56
CA ARG B 202 -13.23 -19.87 -0.28
C ARG B 202 -14.26 -18.82 -0.74
N GLY B 203 -14.63 -18.85 -2.00
CA GLY B 203 -15.62 -17.95 -2.61
C GLY B 203 -15.03 -16.60 -2.97
N ALA B 204 -13.77 -16.34 -2.63
CA ALA B 204 -13.19 -14.97 -2.73
C ALA B 204 -13.04 -14.63 -4.21
N ARG B 205 -13.49 -13.43 -4.57
CA ARG B 205 -13.32 -12.87 -5.92
C ARG B 205 -12.69 -11.50 -5.72
N VAL B 206 -11.47 -11.36 -6.23
CA VAL B 206 -10.64 -10.16 -6.01
C VAL B 206 -10.67 -9.35 -7.30
N LEU B 207 -11.11 -8.10 -7.19
CA LEU B 207 -10.93 -7.08 -8.23
C LEU B 207 -9.58 -6.42 -7.93
N VAL B 208 -8.65 -6.52 -8.88
CA VAL B 208 -7.38 -5.77 -8.81
C VAL B 208 -7.51 -4.69 -9.89
N VAL B 209 -7.10 -3.48 -9.52
CA VAL B 209 -7.08 -2.30 -10.40
C VAL B 209 -5.72 -1.61 -10.23
N CYS B 210 -5.05 -1.32 -11.34
CA CYS B 210 -3.88 -0.42 -11.41
C CYS B 210 -4.26 0.75 -12.33
N SER B 211 -4.03 1.96 -11.88
CA SER B 211 -4.43 3.20 -12.58
C SER B 211 -3.35 4.24 -12.41
N GLU B 212 -2.89 4.80 -13.54
CA GLU B 212 -1.73 5.73 -13.55
C GLU B 212 -2.09 6.97 -14.38
N ILE B 213 -1.81 8.15 -13.82
CA ILE B 213 -2.03 9.49 -14.43
C ILE B 213 -0.73 10.28 -14.26
N THR B 214 -0.06 10.57 -15.37
CA THR B 214 1.29 11.24 -15.42
C THR B 214 1.22 12.72 -15.02
N ALA B 215 0.04 13.27 -14.77
CA ALA B 215 -0.12 14.65 -14.27
C ALA B 215 0.69 14.86 -12.98
N MET B 216 0.94 13.81 -12.18
CA MET B 216 1.75 13.91 -10.93
C MET B 216 3.22 14.20 -11.25
N ALA B 217 3.70 13.81 -12.43
CA ALA B 217 5.14 13.78 -12.81
C ALA B 217 5.50 14.79 -13.91
N PHE B 218 4.54 15.17 -14.76
CA PHE B 218 4.73 16.07 -15.93
C PHE B 218 5.35 17.39 -15.48
N ARG B 219 6.44 17.77 -16.14
CA ARG B 219 7.16 19.03 -15.82
C ARG B 219 7.97 19.49 -17.04
N GLY B 220 8.38 20.74 -17.02
CA GLY B 220 9.27 21.32 -18.03
C GLY B 220 10.66 20.69 -17.98
N PRO B 221 11.37 20.71 -19.13
CA PRO B 221 12.71 20.13 -19.20
C PRO B 221 13.76 21.01 -18.51
N CYS B 222 14.84 20.39 -18.07
CA CYS B 222 16.03 21.06 -17.47
C CYS B 222 17.26 20.25 -17.85
N LYS B 223 18.33 20.97 -18.21
CA LYS B 223 19.64 20.41 -18.65
C LYS B 223 20.29 19.60 -17.51
N SER B 224 19.98 19.92 -16.24
CA SER B 224 20.49 19.19 -15.05
C SER B 224 19.80 17.83 -14.85
N HIS B 225 18.64 17.56 -15.47
CA HIS B 225 17.82 16.36 -15.16
C HIS B 225 17.41 15.68 -16.47
N LEU B 226 18.38 15.01 -17.11
CA LEU B 226 18.20 14.32 -18.41
C LEU B 226 17.38 13.05 -18.19
N ASP B 227 17.40 12.48 -16.98
CA ASP B 227 16.57 11.29 -16.67
C ASP B 227 15.09 11.71 -16.69
N SER B 228 14.76 12.90 -16.18
CA SER B 228 13.39 13.49 -16.32
C SER B 228 12.98 13.46 -17.80
N LEU B 229 13.86 13.89 -18.70
CA LEU B 229 13.62 13.85 -20.17
C LEU B 229 13.25 12.42 -20.62
N VAL B 230 13.97 11.41 -20.12
CA VAL B 230 13.69 9.99 -20.50
C VAL B 230 12.25 9.67 -20.07
N GLY B 231 11.88 10.05 -18.85
CA GLY B 231 10.50 9.86 -18.36
C GLY B 231 9.48 10.47 -19.30
N HIS B 232 9.74 11.67 -19.80
CA HIS B 232 8.79 12.44 -20.65
C HIS B 232 8.68 11.82 -22.03
N ALA B 233 9.66 10.99 -22.40
CA ALA B 233 9.67 10.23 -23.66
C ALA B 233 8.85 8.94 -23.50
N LEU B 234 8.76 8.36 -22.30
CA LEU B 234 8.25 6.95 -22.16
C LEU B 234 6.89 6.85 -21.45
N PHE B 235 6.64 7.61 -20.38
CA PHE B 235 5.48 7.38 -19.48
C PHE B 235 4.16 7.85 -20.10
N GLY B 236 3.14 7.02 -20.02
CA GLY B 236 1.79 7.36 -20.48
C GLY B 236 0.78 7.01 -19.40
N ASP B 237 -0.48 7.29 -19.68
CA ASP B 237 -1.61 7.08 -18.72
C ASP B 237 -2.34 5.82 -19.13
N GLY B 238 -2.92 5.14 -18.12
CA GLY B 238 -3.79 3.99 -18.36
C GLY B 238 -4.14 3.29 -17.06
N ALA B 239 -5.19 2.51 -17.13
CA ALA B 239 -5.64 1.63 -16.04
C ALA B 239 -6.00 0.28 -16.62
N ALA B 240 -5.78 -0.74 -15.80
CA ALA B 240 -6.14 -2.11 -16.08
C ALA B 240 -6.78 -2.71 -14.81
N ALA B 241 -7.72 -3.59 -15.03
CA ALA B 241 -8.43 -4.30 -13.95
C ALA B 241 -8.47 -5.78 -14.32
N ALA B 242 -8.40 -6.62 -13.31
CA ALA B 242 -8.65 -8.06 -13.46
C ALA B 242 -9.51 -8.53 -12.28
N ILE B 243 -10.26 -9.59 -12.53
CA ILE B 243 -11.00 -10.37 -11.53
C ILE B 243 -10.21 -11.65 -11.29
N ILE B 244 -9.88 -11.94 -10.02
CA ILE B 244 -9.09 -13.14 -9.69
C ILE B 244 -9.88 -14.00 -8.69
N GLY B 245 -9.90 -15.31 -8.92
CA GLY B 245 -10.53 -16.27 -8.01
C GLY B 245 -9.91 -17.64 -8.17
N ALA B 246 -9.96 -18.42 -7.12
CA ALA B 246 -9.58 -19.85 -7.14
C ALA B 246 -10.85 -20.68 -7.32
N ASP B 247 -10.73 -21.91 -7.87
CA ASP B 247 -11.87 -22.82 -8.12
C ASP B 247 -12.92 -22.09 -8.94
N PRO B 248 -12.71 -21.79 -10.23
CA PRO B 248 -13.70 -21.05 -11.02
C PRO B 248 -14.97 -21.90 -11.16
N ASP B 249 -16.14 -21.28 -11.35
CA ASP B 249 -17.44 -21.97 -11.51
C ASP B 249 -17.48 -22.50 -12.94
N GLN B 250 -17.94 -23.75 -13.14
CA GLN B 250 -17.79 -24.48 -14.42
C GLN B 250 -18.68 -23.85 -15.51
N LEU B 251 -19.88 -23.40 -15.15
CA LEU B 251 -20.88 -22.88 -16.13
C LEU B 251 -20.79 -21.35 -16.22
N ASP B 252 -20.31 -20.69 -15.18
CA ASP B 252 -20.48 -19.21 -15.04
C ASP B 252 -19.17 -18.46 -15.30
N GLU B 253 -17.99 -19.06 -15.14
CA GLU B 253 -16.71 -18.29 -15.14
C GLU B 253 -15.71 -19.01 -16.04
N GLN B 254 -14.96 -18.28 -16.86
CA GLN B 254 -13.99 -18.89 -17.80
C GLN B 254 -12.61 -18.35 -17.53
N PRO B 255 -11.69 -19.23 -17.10
CA PRO B 255 -10.32 -18.82 -16.79
C PRO B 255 -9.59 -18.29 -18.03
N VAL B 256 -8.66 -17.38 -17.81
CA VAL B 256 -7.79 -16.76 -18.86
C VAL B 256 -6.35 -17.18 -18.57
N PHE B 257 -5.88 -17.01 -17.33
CA PHE B 257 -4.53 -17.44 -16.90
C PHE B 257 -4.63 -17.97 -15.46
N GLN B 258 -3.68 -18.81 -15.06
CA GLN B 258 -3.53 -19.24 -13.66
C GLN B 258 -2.26 -18.61 -13.15
N LEU B 259 -2.31 -18.19 -11.89
CA LEU B 259 -1.15 -17.66 -11.13
C LEU B 259 -0.52 -18.79 -10.33
N VAL B 260 0.69 -19.20 -10.71
CA VAL B 260 1.35 -20.44 -10.20
C VAL B 260 2.25 -20.10 -9.02
N SER B 261 3.12 -19.11 -9.19
CA SER B 261 4.07 -18.69 -8.14
C SER B 261 4.37 -17.21 -8.30
N ALA B 262 4.79 -16.55 -7.22
CA ALA B 262 5.18 -15.11 -7.20
C ALA B 262 6.43 -14.96 -6.36
N SER B 263 7.47 -14.38 -6.93
CA SER B 263 8.78 -14.17 -6.26
C SER B 263 9.14 -12.70 -6.42
N GLN B 264 10.09 -12.25 -5.61
CA GLN B 264 10.56 -10.85 -5.65
C GLN B 264 12.02 -10.81 -5.24
N THR B 265 12.84 -9.97 -5.88
CA THR B 265 14.26 -9.83 -5.50
C THR B 265 14.75 -8.40 -5.74
N ILE B 266 15.65 -7.98 -4.86
CA ILE B 266 16.45 -6.74 -4.97
C ILE B 266 17.77 -7.15 -5.65
N LEU B 267 18.05 -6.59 -6.82
CA LEU B 267 19.27 -6.89 -7.62
C LEU B 267 20.50 -6.35 -6.88
N PRO B 268 21.61 -7.13 -6.88
CA PRO B 268 22.87 -6.65 -6.32
C PRO B 268 23.33 -5.36 -7.01
N GLU B 269 24.03 -4.50 -6.26
CA GLU B 269 24.76 -3.33 -6.80
C GLU B 269 23.78 -2.42 -7.55
N SER B 270 22.53 -2.25 -7.09
CA SER B 270 21.48 -1.53 -7.85
C SER B 270 20.93 -0.34 -7.07
N GLU B 271 21.50 -0.03 -5.91
CA GLU B 271 21.01 1.05 -5.01
C GLU B 271 20.95 2.34 -5.83
N GLY B 272 19.81 3.05 -5.85
CA GLY B 272 19.68 4.37 -6.48
C GLY B 272 19.40 4.27 -7.97
N ALA B 273 19.29 3.08 -8.54
CA ALA B 273 19.11 2.94 -10.00
C ALA B 273 17.79 3.62 -10.38
N ILE B 274 16.72 3.42 -9.59
CA ILE B 274 15.37 4.02 -9.84
C ILE B 274 14.82 4.57 -8.54
N ASP B 275 14.78 5.88 -8.41
CA ASP B 275 14.23 6.62 -7.25
C ASP B 275 13.04 7.43 -7.75
N GLY B 276 12.04 7.63 -6.88
CA GLY B 276 10.84 8.44 -7.15
C GLY B 276 10.50 9.17 -5.88
N HIS B 277 10.47 10.50 -5.90
CA HIS B 277 10.21 11.31 -4.70
C HIS B 277 8.90 12.06 -4.94
N LEU B 278 8.00 12.06 -3.96
CA LEU B 278 6.79 12.91 -3.98
C LEU B 278 7.16 14.19 -3.19
N THR B 279 7.34 15.29 -3.93
CA THR B 279 7.91 16.56 -3.42
C THR B 279 6.83 17.63 -3.51
N GLU B 280 7.13 18.83 -2.99
CA GLU B 280 6.34 20.07 -3.20
C GLU B 280 6.11 20.32 -4.69
N ALA B 281 7.02 19.86 -5.55
CA ALA B 281 7.00 20.07 -7.02
C ALA B 281 6.37 18.86 -7.74
N GLY B 282 5.78 17.92 -7.01
CA GLY B 282 5.16 16.72 -7.61
C GLY B 282 6.10 15.54 -7.59
N LEU B 283 5.82 14.55 -8.45
CA LEU B 283 6.59 13.28 -8.49
C LEU B 283 7.80 13.47 -9.40
N THR B 284 8.98 13.24 -8.88
CA THR B 284 10.26 13.35 -9.62
C THR B 284 10.88 11.96 -9.70
N ILE B 285 11.42 11.63 -10.86
CA ILE B 285 12.09 10.33 -11.17
C ILE B 285 13.62 10.54 -11.19
N HIS B 286 14.38 9.53 -10.79
CA HIS B 286 15.86 9.53 -10.86
C HIS B 286 16.26 8.17 -11.43
N LEU B 287 16.37 8.08 -12.77
CA LEU B 287 16.78 6.88 -13.54
C LEU B 287 18.28 6.97 -13.76
N LEU B 288 18.98 5.83 -13.74
CA LEU B 288 20.40 5.70 -14.16
C LEU B 288 20.47 4.88 -15.48
N LYS B 289 21.47 5.15 -16.33
CA LYS B 289 21.68 4.48 -17.66
C LYS B 289 21.89 2.96 -17.51
N ASP B 290 22.29 2.46 -16.33
CA ASP B 290 22.65 1.03 -16.06
C ASP B 290 21.39 0.14 -15.94
N VAL B 291 20.18 0.70 -15.97
CA VAL B 291 18.96 -0.06 -15.60
C VAL B 291 18.78 -1.24 -16.55
N PRO B 292 18.86 -1.05 -17.88
CA PRO B 292 18.74 -2.18 -18.82
C PRO B 292 19.78 -3.28 -18.55
N GLY B 293 21.01 -2.86 -18.26
CA GLY B 293 22.15 -3.73 -17.88
C GLY B 293 21.84 -4.53 -16.64
N LEU B 294 21.48 -3.85 -15.56
CA LEU B 294 21.20 -4.49 -14.24
C LEU B 294 20.11 -5.54 -14.36
N ILE B 295 19.02 -5.23 -15.06
CA ILE B 295 17.89 -6.19 -15.22
C ILE B 295 18.35 -7.38 -16.06
N SER B 296 18.86 -7.13 -17.27
CA SER B 296 19.30 -8.18 -18.24
C SER B 296 20.35 -9.10 -17.57
N GLU B 297 21.26 -8.58 -16.77
CA GLU B 297 22.32 -9.36 -16.07
C GLU B 297 21.73 -10.28 -14.99
N ASN B 298 20.51 -10.07 -14.54
CA ASN B 298 19.97 -10.82 -13.37
C ASN B 298 18.76 -11.65 -13.77
N ILE B 299 18.26 -11.48 -14.98
CA ILE B 299 16.96 -12.08 -15.38
C ILE B 299 17.09 -13.60 -15.49
N GLU B 300 18.24 -14.12 -15.93
CA GLU B 300 18.43 -15.60 -16.09
C GLU B 300 18.31 -16.29 -14.72
N GLN B 301 18.93 -15.76 -13.68
CA GLN B 301 18.84 -16.29 -12.31
C GLN B 301 17.37 -16.28 -11.84
N ALA B 302 16.63 -15.20 -12.13
CA ALA B 302 15.20 -15.11 -11.77
C ALA B 302 14.43 -16.20 -12.52
N LEU B 303 14.69 -16.40 -13.81
CA LEU B 303 14.00 -17.49 -14.58
C LEU B 303 14.32 -18.86 -13.95
N GLU B 304 15.58 -19.10 -13.57
CA GLU B 304 16.02 -20.39 -13.01
C GLU B 304 15.33 -20.62 -11.66
N ASP B 305 15.26 -19.60 -10.82
CA ASP B 305 14.63 -19.69 -9.46
C ASP B 305 13.15 -20.02 -9.58
N ALA B 306 12.47 -19.46 -10.58
CA ALA B 306 11.03 -19.67 -10.83
C ALA B 306 10.78 -21.04 -11.50
N PHE B 307 11.63 -21.45 -12.45
CA PHE B 307 11.26 -22.56 -13.36
C PHE B 307 12.02 -23.86 -13.04
N GLU B 308 13.19 -23.81 -12.44
CA GLU B 308 13.95 -25.06 -12.09
C GLU B 308 13.01 -26.01 -11.34
N PRO B 309 12.33 -25.58 -10.25
CA PRO B 309 11.38 -26.45 -9.56
C PRO B 309 10.30 -27.10 -10.45
N LEU B 310 10.03 -26.53 -11.62
CA LEU B 310 9.05 -27.09 -12.60
C LEU B 310 9.79 -27.91 -13.67
N GLY B 311 11.12 -27.98 -13.59
CA GLY B 311 11.99 -28.62 -14.60
C GLY B 311 11.89 -27.97 -15.98
N ILE B 312 11.64 -26.66 -16.07
CA ILE B 312 11.65 -25.91 -17.36
C ILE B 312 12.99 -25.18 -17.50
N HIS B 313 13.64 -25.22 -18.67
CA HIS B 313 14.96 -24.58 -18.91
C HIS B 313 15.01 -23.75 -20.21
N ASN B 314 14.07 -23.96 -21.12
CA ASN B 314 14.07 -23.33 -22.46
C ASN B 314 13.20 -22.06 -22.44
N TRP B 315 13.82 -20.90 -22.39
CA TRP B 315 13.12 -19.61 -22.24
C TRP B 315 12.33 -19.28 -23.50
N ASN B 316 12.52 -20.05 -24.57
CA ASN B 316 11.70 -19.89 -25.80
C ASN B 316 10.52 -20.84 -25.76
N SER B 317 10.39 -21.69 -24.74
CA SER B 317 9.22 -22.62 -24.66
C SER B 317 8.10 -22.01 -23.79
N ILE B 318 8.31 -20.83 -23.19
CA ILE B 318 7.32 -20.17 -22.28
C ILE B 318 6.85 -18.86 -22.91
N PHE B 319 5.65 -18.38 -22.57
CA PHE B 319 5.19 -17.03 -22.98
C PHE B 319 5.75 -15.99 -22.01
N TRP B 320 5.94 -14.76 -22.52
CA TRP B 320 6.63 -13.63 -21.84
C TRP B 320 5.66 -12.46 -21.70
N ILE B 321 5.46 -12.04 -20.46
CA ILE B 321 4.78 -10.78 -20.06
C ILE B 321 5.85 -9.94 -19.37
N ALA B 322 6.64 -9.19 -20.14
CA ALA B 322 7.70 -8.31 -19.60
C ALA B 322 7.10 -6.91 -19.48
N HIS B 323 7.27 -6.27 -18.32
CA HIS B 323 6.89 -4.86 -18.12
C HIS B 323 7.61 -4.07 -19.21
N PRO B 324 6.89 -3.43 -20.16
CA PRO B 324 7.52 -2.60 -21.20
C PRO B 324 7.99 -1.26 -20.64
N GLY B 325 9.08 -1.28 -19.88
CA GLY B 325 9.61 -0.10 -19.20
C GLY B 325 10.23 0.85 -20.22
N GLY B 326 10.74 0.29 -21.31
CA GLY B 326 11.42 1.03 -22.39
C GLY B 326 12.01 0.04 -23.37
N PRO B 327 12.36 0.47 -24.60
CA PRO B 327 12.84 -0.47 -25.62
C PRO B 327 14.15 -1.12 -25.19
N ALA B 328 14.97 -0.42 -24.40
CA ALA B 328 16.33 -0.87 -24.07
C ALA B 328 16.22 -2.08 -23.15
N ILE B 329 15.29 -2.05 -22.19
CA ILE B 329 15.13 -3.18 -21.23
C ILE B 329 14.73 -4.43 -22.02
N LEU B 330 13.72 -4.32 -22.87
CA LEU B 330 13.22 -5.48 -23.67
C LEU B 330 14.35 -6.00 -24.58
N ASP B 331 15.09 -5.10 -25.25
CA ASP B 331 16.20 -5.44 -26.19
C ASP B 331 17.28 -6.24 -25.44
N ARG B 332 17.72 -5.74 -24.30
CA ARG B 332 18.88 -6.28 -23.53
C ARG B 332 18.47 -7.60 -22.91
N VAL B 333 17.24 -7.72 -22.40
CA VAL B 333 16.76 -9.01 -21.83
C VAL B 333 16.66 -10.01 -23.01
N GLU B 334 16.03 -9.63 -24.12
CA GLU B 334 15.84 -10.50 -25.31
C GLU B 334 17.20 -11.08 -25.77
N ASP B 335 18.23 -10.24 -25.82
CA ASP B 335 19.60 -10.60 -26.27
C ASP B 335 20.29 -11.51 -25.24
N ARG B 336 20.32 -11.13 -23.96
CA ARG B 336 21.01 -11.87 -22.88
C ARG B 336 20.39 -13.27 -22.69
N VAL B 337 19.07 -13.39 -22.82
CA VAL B 337 18.32 -14.67 -22.54
C VAL B 337 18.33 -15.54 -23.81
N GLY B 338 18.44 -14.96 -25.00
CA GLY B 338 18.43 -15.70 -26.28
C GLY B 338 17.03 -15.90 -26.80
N LEU B 339 16.18 -14.87 -26.74
CA LEU B 339 14.77 -15.03 -27.13
C LEU B 339 14.66 -14.76 -28.63
N ASP B 340 13.87 -15.60 -29.30
CA ASP B 340 13.25 -15.29 -30.61
C ASP B 340 12.41 -14.00 -30.44
N LYS B 341 12.45 -13.12 -31.46
CA LYS B 341 11.72 -11.82 -31.52
C LYS B 341 10.23 -11.98 -31.18
N LYS B 342 9.63 -13.16 -31.43
CA LYS B 342 8.19 -13.46 -31.20
C LYS B 342 7.81 -13.28 -29.72
N ARG B 343 8.74 -13.60 -28.81
CA ARG B 343 8.42 -13.76 -27.35
C ARG B 343 8.01 -12.39 -26.78
N MET B 344 8.69 -11.32 -27.20
CA MET B 344 8.50 -9.94 -26.69
C MET B 344 7.46 -9.17 -27.53
N ARG B 345 6.85 -9.80 -28.54
CA ARG B 345 5.87 -9.11 -29.43
C ARG B 345 4.78 -8.40 -28.61
N ALA B 346 4.09 -9.09 -27.69
CA ALA B 346 2.97 -8.50 -26.91
C ALA B 346 3.47 -7.37 -26.01
N SER B 347 4.62 -7.53 -25.34
CA SER B 347 5.22 -6.41 -24.55
C SER B 347 5.49 -5.21 -25.46
N ARG B 348 6.04 -5.43 -26.65
CA ARG B 348 6.45 -4.31 -27.56
C ARG B 348 5.23 -3.65 -28.18
N GLU B 349 4.13 -4.39 -28.34
CA GLU B 349 2.88 -3.81 -28.85
C GLU B 349 2.37 -2.81 -27.81
N VAL B 350 2.42 -3.17 -26.52
CA VAL B 350 1.89 -2.30 -25.46
C VAL B 350 2.76 -1.04 -25.43
N LEU B 351 4.08 -1.20 -25.46
CA LEU B 351 5.02 -0.05 -25.49
C LEU B 351 4.67 0.87 -26.67
N SER B 352 4.56 0.30 -27.85
CA SER B 352 4.19 0.98 -29.11
C SER B 352 2.84 1.71 -28.96
N GLU B 353 1.81 1.07 -28.38
CA GLU B 353 0.44 1.62 -28.46
C GLU B 353 0.11 2.49 -27.23
N TYR B 354 0.89 2.46 -26.15
CA TYR B 354 0.51 3.12 -24.87
C TYR B 354 1.69 3.72 -24.13
N GLY B 355 2.92 3.40 -24.54
CA GLY B 355 4.11 3.70 -23.76
C GLY B 355 4.19 2.91 -22.47
N ASN B 356 4.95 3.44 -21.51
CA ASN B 356 5.12 2.88 -20.16
C ASN B 356 3.99 3.42 -19.27
N MET B 357 3.06 2.55 -18.85
CA MET B 357 1.93 2.93 -17.95
C MET B 357 2.16 2.42 -16.53
N SER B 358 3.41 2.36 -16.10
CA SER B 358 3.81 1.99 -14.73
C SER B 358 3.09 0.68 -14.35
N SER B 359 2.42 0.65 -13.21
CA SER B 359 1.86 -0.60 -12.60
C SER B 359 0.84 -1.23 -13.55
N ALA B 360 0.18 -0.47 -14.42
CA ALA B 360 -0.91 -0.99 -15.29
C ALA B 360 -0.38 -1.87 -16.44
N SER B 361 0.87 -1.66 -16.88
CA SER B 361 1.37 -2.13 -18.19
C SER B 361 1.23 -3.67 -18.30
N VAL B 362 1.66 -4.40 -17.28
CA VAL B 362 1.71 -5.89 -17.44
C VAL B 362 0.31 -6.46 -17.69
N LEU B 363 -0.73 -5.87 -17.13
CA LEU B 363 -2.12 -6.31 -17.37
C LEU B 363 -2.53 -5.96 -18.80
N PHE B 364 -2.05 -4.83 -19.37
CA PHE B 364 -2.26 -4.54 -20.80
C PHE B 364 -1.63 -5.68 -21.61
N VAL B 365 -0.42 -6.06 -21.24
CA VAL B 365 0.35 -7.09 -22.00
C VAL B 365 -0.42 -8.41 -21.92
N LEU B 366 -0.88 -8.79 -20.73
CA LEU B 366 -1.67 -10.05 -20.56
C LEU B 366 -2.87 -10.00 -21.48
N ASP B 367 -3.54 -8.86 -21.53
CA ASP B 367 -4.78 -8.68 -22.33
C ASP B 367 -4.40 -8.79 -23.81
N VAL B 368 -3.30 -8.15 -24.25
CA VAL B 368 -2.87 -8.19 -25.67
C VAL B 368 -2.50 -9.64 -26.00
N MET B 369 -1.84 -10.33 -25.09
CA MET B 369 -1.41 -11.72 -25.41
C MET B 369 -2.62 -12.63 -25.62
N ARG B 370 -3.60 -12.62 -24.72
CA ARG B 370 -4.73 -13.57 -24.82
C ARG B 370 -5.56 -13.23 -26.07
N LYS B 371 -5.70 -11.94 -26.39
CA LYS B 371 -6.51 -11.49 -27.56
C LYS B 371 -5.80 -11.89 -28.86
N SER B 372 -4.49 -11.65 -28.98
CA SER B 372 -3.73 -11.94 -30.22
C SER B 372 -3.60 -13.47 -30.39
N SER B 373 -3.52 -14.22 -29.29
CA SER B 373 -3.49 -15.71 -29.30
C SER B 373 -4.80 -16.26 -29.89
N ALA B 374 -5.94 -15.71 -29.51
CA ALA B 374 -7.25 -16.18 -30.04
C ALA B 374 -7.37 -15.76 -31.51
N LYS B 375 -7.02 -14.51 -31.84
CA LYS B 375 -7.06 -13.96 -33.23
C LYS B 375 -6.21 -14.83 -34.18
N ASP B 376 -5.02 -15.27 -33.75
CA ASP B 376 -4.06 -16.08 -34.57
C ASP B 376 -4.37 -17.58 -34.45
N GLY B 377 -5.58 -17.94 -33.98
CA GLY B 377 -6.05 -19.32 -33.76
C GLY B 377 -5.02 -20.23 -33.10
N LEU B 378 -4.33 -19.75 -32.06
CA LEU B 378 -3.33 -20.59 -31.33
C LEU B 378 -4.08 -21.40 -30.28
N ALA B 379 -3.42 -22.41 -29.73
CA ALA B 379 -4.04 -23.47 -28.91
C ALA B 379 -4.27 -22.97 -27.47
N THR B 380 -3.53 -21.97 -27.01
CA THR B 380 -3.65 -21.45 -25.61
C THR B 380 -3.71 -19.93 -25.57
N THR B 381 -4.03 -19.39 -24.39
CA THR B 381 -4.13 -17.93 -24.13
C THR B 381 -2.73 -17.35 -24.10
N GLY B 382 -1.72 -18.20 -23.92
CA GLY B 382 -0.30 -17.81 -23.92
C GLY B 382 0.44 -18.23 -25.19
N GLU B 383 -0.04 -17.81 -26.37
CA GLU B 383 0.65 -18.02 -27.68
C GLU B 383 0.94 -19.51 -27.90
N GLY B 384 0.04 -20.38 -27.46
CA GLY B 384 0.13 -21.83 -27.69
C GLY B 384 1.04 -22.50 -26.70
N LYS B 385 1.68 -21.76 -25.80
CA LYS B 385 2.54 -22.37 -24.74
C LYS B 385 1.68 -22.61 -23.50
N ASP B 386 2.15 -23.48 -22.61
CA ASP B 386 1.46 -23.85 -21.35
C ASP B 386 1.93 -22.92 -20.21
N TRP B 387 3.22 -22.69 -20.12
CA TRP B 387 3.88 -21.94 -19.01
C TRP B 387 4.29 -20.57 -19.53
N GLY B 388 4.24 -19.59 -18.63
CA GLY B 388 4.52 -18.18 -18.91
C GLY B 388 5.27 -17.56 -17.75
N VAL B 389 5.91 -16.45 -17.98
CA VAL B 389 6.62 -15.66 -16.95
C VAL B 389 6.13 -14.21 -17.09
N LEU B 390 5.83 -13.60 -15.97
CA LEU B 390 5.48 -12.17 -15.89
C LEU B 390 6.54 -11.50 -14.98
N PHE B 391 7.15 -10.43 -15.50
CA PHE B 391 8.18 -9.62 -14.83
C PHE B 391 7.63 -8.22 -14.58
N GLY B 392 7.75 -7.78 -13.34
CA GLY B 392 7.68 -6.35 -12.96
C GLY B 392 9.04 -5.90 -12.53
N PHE B 393 9.40 -4.67 -12.86
CA PHE B 393 10.70 -4.03 -12.54
C PHE B 393 10.38 -2.70 -11.89
N GLY B 394 11.09 -2.30 -10.85
CA GLY B 394 10.99 -0.91 -10.43
C GLY B 394 11.99 -0.60 -9.34
N PRO B 395 11.72 0.43 -8.51
CA PRO B 395 12.65 0.88 -7.49
C PRO B 395 13.16 -0.23 -6.57
N GLY B 396 14.46 -0.20 -6.28
CA GLY B 396 15.13 -1.19 -5.41
C GLY B 396 16.61 -1.37 -5.72
N LEU B 397 16.97 -1.88 -6.89
CA LEU B 397 16.07 -2.15 -8.01
C LEU B 397 15.36 -3.49 -7.77
N THR B 398 14.04 -3.52 -7.94
CA THR B 398 13.21 -4.71 -7.61
C THR B 398 12.79 -5.41 -8.89
N VAL B 399 13.01 -6.72 -8.96
CA VAL B 399 12.43 -7.57 -10.02
C VAL B 399 11.44 -8.49 -9.34
N GLU B 400 10.20 -8.48 -9.82
CA GLU B 400 9.14 -9.39 -9.38
C GLU B 400 8.92 -10.39 -10.52
N THR B 401 8.83 -11.68 -10.20
CA THR B 401 8.71 -12.78 -11.17
C THR B 401 7.51 -13.64 -10.80
N LEU B 402 6.53 -13.73 -11.68
CA LEU B 402 5.37 -14.63 -11.50
C LEU B 402 5.44 -15.70 -12.58
N VAL B 403 5.19 -16.95 -12.18
CA VAL B 403 4.97 -18.04 -13.14
C VAL B 403 3.48 -18.05 -13.41
N LEU B 404 3.10 -18.03 -14.68
CA LEU B 404 1.72 -18.14 -15.18
C LEU B 404 1.57 -19.48 -15.86
N HIS B 405 0.32 -19.91 -15.98
CA HIS B 405 -0.08 -21.05 -16.80
C HIS B 405 -1.22 -20.56 -17.68
N SER B 406 -1.17 -20.90 -18.95
CA SER B 406 -2.22 -20.58 -19.94
C SER B 406 -3.40 -21.51 -19.70
N VAL B 407 -4.48 -21.26 -20.43
CA VAL B 407 -5.67 -22.14 -20.50
C VAL B 407 -5.90 -22.40 -21.98
N PRO B 408 -6.46 -23.59 -22.32
CA PRO B 408 -6.78 -23.91 -23.72
C PRO B 408 -7.72 -22.90 -24.39
N VAL B 409 -7.60 -22.77 -25.70
CA VAL B 409 -8.48 -21.90 -26.53
C VAL B 409 -9.22 -22.78 -27.54
N PRO B 410 -10.57 -22.82 -27.52
CA PRO B 410 -11.30 -23.61 -28.51
C PRO B 410 -11.23 -23.02 -29.94
O13 ERD C . -4.07 13.26 9.40
C9 ERD C . -3.70 12.26 10.04
C10 ERD C . -2.41 12.26 10.83
C11 ERD C . -1.87 10.85 10.95
C14 ERD C . -0.62 10.63 11.73
C15 ERD C . 0.64 10.85 11.19
C16 ERD C . 1.78 10.60 11.94
C17 ERD C . 1.67 10.08 13.23
O24 ERD C . 2.77 9.82 13.99
C18 ERD C . 0.41 9.85 13.77
O23 ERD C . 0.22 9.33 15.04
C19 ERD C . -0.73 10.11 13.02
O12 ERD C . -2.87 10.02 11.60
C4 ERD C . -4.10 10.00 11.00
C3 ERD C . -4.53 11.05 10.19
C5 ERD C . -4.87 8.87 11.24
C6 ERD C . -6.12 8.78 10.68
O29 ERD C . -6.88 7.67 10.95
C1 ERD C . -6.59 9.81 9.86
C2 ERD C . -5.82 10.92 9.62
O30 ERD C . -6.31 11.90 8.81
H101 ERD C . -1.75 12.82 10.39
H102 ERD C . -2.57 12.62 11.73
H11 ERD C . -1.75 10.48 10.03
H15 ERD C . 0.72 11.20 10.33
H16 ERD C . 2.63 10.76 11.58
HO24 ERD C . 2.55 9.55 14.72
HO23 ERD C . -0.61 9.30 15.18
H19 ERD C . -1.57 9.94 13.39
H5 ERD C . -4.55 8.19 11.80
HO29 ERD C . -7.62 7.69 10.58
H1 ERD C . -7.45 9.74 9.46
HO30 ERD C . -5.75 12.48 8.74
N1A COA D . -13.62 19.15 16.17
C2A COA D . -13.54 20.31 16.84
N3A COA D . -13.56 20.51 18.15
C4A COA D . -13.69 19.35 18.83
C5A COA D . -13.79 18.09 18.28
C6A COA D . -13.75 18.00 16.87
N6A COA D . -13.83 16.87 16.19
N7A COA D . -13.89 17.14 19.30
C8A COA D . -13.84 17.84 20.43
N9A COA D . -13.74 19.20 20.19
C1B COA D . -13.66 20.30 21.16
C2B COA D . -14.97 20.68 21.84
O2B COA D . -15.79 21.54 21.07
C3B COA D . -14.44 21.44 23.05
O3B COA D . -14.12 22.79 22.71
P3B COA D . -14.80 23.90 23.73
O7A COA D . -13.99 25.19 23.44
O8A COA D . -16.27 23.98 23.28
O9A COA D . -14.68 23.46 25.18
C4B COA D . -13.16 20.68 23.41
O4B COA D . -12.80 19.94 22.22
C5B COA D . -13.32 19.74 24.58
O5B COA D . -14.47 18.87 24.33
P1A COA D . -15.47 18.42 25.51
O1A COA D . -16.83 18.24 24.92
O2A COA D . -15.30 19.32 26.70
O3A COA D . -14.88 16.98 25.93
P2A COA D . -14.53 15.66 25.09
O4A COA D . -14.24 14.56 26.07
O5A COA D . -15.58 15.44 24.06
O6A COA D . -13.20 16.16 24.31
CBP COA D . -11.41 14.82 23.26
CCP COA D . -11.89 15.54 24.53
CDP COA D . -11.08 15.83 22.17
CEP COA D . -10.14 14.07 23.64
CAP COA D . -12.53 13.87 22.77
OAP COA D . -13.51 14.74 22.17
C9P COA D . -12.27 12.75 21.75
O9P COA D . -11.95 11.61 22.11
N8P COA D . -12.53 13.05 20.48
C7P COA D . -11.71 12.55 19.39
C6P COA D . -12.14 11.19 18.93
C5P COA D . -11.71 11.15 17.47
O5P COA D . -12.26 11.85 16.63
N4P COA D . -10.68 10.37 17.15
C3P COA D . -10.11 10.41 15.82
C2P COA D . -9.27 9.23 15.52
S1P COA D . -8.72 9.49 13.82
H2A COA D . -13.45 21.12 16.29
H61A COA D . -13.83 16.08 16.63
H62A COA D . -13.88 16.89 15.29
H8A COA D . -13.92 17.43 21.31
H1B COA D . -13.29 21.10 20.71
H2B COA D . -15.47 19.87 22.12
HO2A COA D . -15.74 22.41 21.27
H3B COA D . -15.09 21.41 23.80
H4B COA D . -12.44 21.32 23.63
H51A COA D . -13.46 20.25 25.41
H52A COA D . -12.50 19.19 24.69
H121 COA D . -11.94 14.89 25.28
H122 COA D . -11.23 16.24 24.79
H131 COA D . -11.49 15.55 21.31
H132 COA D . -10.11 15.90 22.07
H133 COA D . -11.44 16.73 22.43
H141 COA D . -10.32 13.10 23.66
H142 COA D . -9.83 14.36 24.53
H143 COA D . -9.43 14.25 22.97
H10 COA D . -12.95 13.46 23.56
HO1 COA D . -14.01 14.25 21.74
HN8 COA D . -13.23 13.58 20.29
H71 COA D . -10.76 12.51 19.69
H72 COA D . -11.76 13.18 18.64
H61 COA D . -13.12 11.08 19.00
H62 COA D . -11.67 10.48 19.44
HN4 COA D . -10.34 9.81 17.77
H31 COA D . -9.56 11.23 15.71
H32 COA D . -10.84 10.46 15.15
H21 COA D . -9.80 8.40 15.59
H22 COA D . -8.50 9.19 16.13
HS1 COA D . -7.90 8.83 13.82
O13 ERD E . 8.61 8.79 -11.06
C9 ERD E . 7.89 7.92 -11.60
C10 ERD E . 6.72 8.32 -12.48
C11 ERD E . 5.69 7.20 -12.46
C14 ERD E . 4.43 7.37 -13.24
C15 ERD E . 3.37 8.10 -12.74
C16 ERD E . 2.17 8.19 -13.45
C17 ERD E . 2.03 7.50 -14.66
O24 ERD E . 0.88 7.57 -15.39
C18 ERD E . 3.09 6.72 -15.15
O23 ERD E . 2.99 6.03 -16.35
C19 ERD E . 4.28 6.66 -14.43
O12 ERD E . 6.32 5.99 -12.96
C4 ERD E . 7.40 5.57 -12.25
C3 ERD E . 8.18 6.49 -11.54
C5 ERD E . 7.66 4.21 -12.27
C6 ERD E . 8.76 3.72 -11.59
O29 ERD E . 9.01 2.38 -11.63
C1 ERD E . 9.57 4.58 -10.86
C2 ERD E . 9.30 5.95 -10.84
O30 ERD E . 10.11 6.77 -10.14
H101 ERD E . 6.31 9.14 -12.14
H102 ERD E . 7.01 8.47 -13.39
H11 ERD E . 5.44 7.03 -11.51
H15 ERD E . 3.45 8.56 -11.93
H16 ERD E . 1.46 8.71 -13.13
HO24 ERD E . 0.95 7.12 -16.09
HO23 ERD E . 3.71 5.58 -16.49
H19 ERD E . 4.98 6.14 -14.76
H5 ERD E . 7.11 3.63 -12.76
HO29 ERD E . 9.78 2.23 -11.21
H1 ERD E . 10.31 4.25 -10.39
HO30 ERD E . 9.81 7.60 -10.21
N1A COA F . 19.61 9.40 -18.26
C2A COA F . 20.01 10.38 -19.08
N3A COA F . 20.13 10.36 -20.41
C4A COA F . 19.80 9.14 -20.90
C5A COA F . 19.40 8.03 -20.19
C6A COA F . 19.31 8.19 -18.78
N6A COA F . 18.92 7.21 -17.98
N7A COA F . 19.15 6.96 -21.03
C8A COA F . 19.40 7.42 -22.23
N9A COA F . 19.81 8.75 -22.22
C1B COA F . 20.19 9.61 -23.35
C2B COA F . 21.43 9.15 -24.10
O2B COA F . 22.64 9.42 -23.41
C3B COA F . 21.25 9.96 -25.39
O3B COA F . 21.63 11.32 -25.25
P3B COA F . 22.29 11.81 -26.65
O7A COA F . 22.40 13.33 -26.55
O8A COA F . 21.36 11.40 -27.80
O9A COA F . 23.65 11.13 -26.69
C4B COA F . 19.73 9.88 -25.62
O4B COA F . 19.17 9.58 -24.31
C5B COA F . 19.30 8.84 -26.62
O5B COA F . 19.81 7.57 -26.14
P1A COA F . 20.71 6.63 -27.08
O1A COA F . 21.69 5.91 -26.21
O2A COA F . 21.17 7.38 -28.28
O3A COA F . 19.53 5.65 -27.55
P2A COA F . 18.72 4.50 -26.79
O4A COA F . 19.36 4.33 -25.44
O5A COA F . 18.67 3.33 -27.73
O6A COA F . 17.20 5.07 -26.66
CBP COA F . 15.78 5.32 -24.62
CCP COA F . 16.80 5.98 -25.57
CDP COA F . 15.42 6.33 -23.54
CEP COA F . 14.50 5.03 -25.43
CAP COA F . 16.35 4.02 -23.97
OAP COA F . 17.57 4.43 -23.32
C9P COA F . 15.52 3.18 -22.98
O9P COA F . 14.68 2.37 -23.40
N8P COA F . 15.81 3.29 -21.67
C7P COA F . 15.52 2.23 -20.71
C6P COA F . 14.29 2.52 -19.85
C5P COA F . 14.57 2.92 -18.42
O5P COA F . 15.73 3.01 -18.02
N4P COA F . 13.54 3.12 -17.58
C3P COA F . 12.41 2.20 -17.46
C2P COA F . 11.28 2.77 -16.65
S1P COA F . 11.42 2.44 -14.87
H2A COA F . 20.22 11.23 -18.65
H61A COA F . 18.68 6.42 -18.32
H62A COA F . 18.90 7.35 -17.09
H8A COA F . 19.31 6.88 -23.05
H1B COA F . 20.33 10.54 -23.03
H2B COA F . 21.39 8.19 -24.30
HO2A COA F . 23.08 10.28 -23.59
H3B COA F . 21.74 9.52 -26.13
H4B COA F . 19.41 10.76 -25.92
H51A COA F . 19.67 9.05 -27.51
H52A COA F . 18.32 8.81 -26.68
H121 COA F . 16.41 6.80 -25.95
H122 COA F . 17.60 6.24 -25.05
H131 COA F . 15.68 5.97 -22.64
H132 COA F . 14.45 6.51 -23.55
H133 COA F . 15.91 7.18 -23.70
H141 COA F . 14.21 4.09 -25.26
H142 COA F . 14.68 5.15 -26.39
H143 COA F . 13.79 5.65 -25.15
H10 COA F . 16.60 3.42 -24.71
HO1 COA F . 17.62 4.09 -22.50
HN8 COA F . 16.19 4.05 -21.39
H71 COA F . 16.31 2.13 -20.11
H72 COA F . 15.40 1.38 -21.19
H61 COA F . 13.72 1.71 -19.85
H62 COA F . 13.76 3.23 -20.29
HN4 COA F . 13.57 3.85 -17.07
H31 COA F . 12.71 1.36 -17.05
H32 COA F . 12.07 2.00 -18.37
H21 COA F . 10.44 2.38 -16.97
H22 COA F . 11.24 3.75 -16.80
HS1 COA F . 10.75 3.29 -14.72
#